data_6SRG
#
_entry.id   6SRG
#
_cell.length_a   103.736
_cell.length_b   108.184
_cell.length_c   210.976
_cell.angle_alpha   90.000
_cell.angle_beta   90.000
_cell.angle_gamma   90.000
#
_symmetry.space_group_name_H-M   'C 2 2 21'
#
loop_
_entity.id
_entity.type
_entity.pdbx_description
1 polymer 'Xaa-Pro dipeptidase'
2 non-polymer 'MANGANESE (II) ION'
3 non-polymer 'HYDROXIDE ION'
4 non-polymer GLYCINE
5 non-polymer PROLINE
6 non-polymer GLYCEROL
7 water water
#
_entity_poly.entity_id   1
_entity_poly.type   'polypeptide(L)'
_entity_poly.pdbx_seq_one_letter_code
;MAAATGPSFWLGNETLKVPLALFALNRQRLCERLRKNPAVQAGSIVVLQGGEETQRYCTDTGVLFRQESFFHWAFGVTEP
GCYGVIDVDTGKSTLFVPRLPASHATWMGKIHSKEHFKEKYAVDDVQYVDEIASVLTSQKPSVLLTLRGVNTDSGSVCRE
ASFDGISKFEVNNTILHPEIVECRVFKTDMELEVLRYTNKISSEAHREVMKAVKVGMKEYELESLFEHYCYSRGGMRHSS
YTCICGSGENSAVLHYGHAGAPNDRTIQNGDMCLFDMGGEYYCFASDITCSFPANGKFTADQKAVYEAVLRSSRAVMGAM
KPGVWWPDMHRLADRIHLEELAHMGILSGSVDAMVQAHLGAVFMPHGLGHFLGIDVHDVGGYPEGVERIDEPGLRSLRTA
RHLQPGMVLTVEPGIYFIDHLLDEALADPARASFLNREVLQRFRGFGRVRIEEDVVVTDSGIELLTCVPRTVEEIEACMA
GCDKAFTPFSGPK
;
_entity_poly.pdbx_strand_id   A,B
#
loop_
_chem_comp.id
_chem_comp.type
_chem_comp.name
_chem_comp.formula
GOL non-polymer GLYCEROL 'C3 H8 O3'
MN non-polymer 'MANGANESE (II) ION' 'Mn 2'
OH non-polymer 'HYDROXIDE ION' 'H O -1'
#
# COMPACT_ATOMS: atom_id res chain seq x y z
N GLY A 6 -17.28 6.08 -26.97
CA GLY A 6 -17.67 5.12 -25.93
C GLY A 6 -17.29 5.55 -24.52
N PRO A 7 -17.43 4.72 -23.48
CA PRO A 7 -17.05 5.14 -22.17
C PRO A 7 -15.53 5.22 -21.90
N SER A 8 -15.15 5.98 -20.90
CA SER A 8 -13.73 6.13 -20.49
CA SER A 8 -13.73 6.09 -20.50
C SER A 8 -13.42 6.22 -18.96
N PHE A 9 -12.27 5.70 -18.57
CA PHE A 9 -11.77 5.87 -17.22
C PHE A 9 -11.16 7.27 -17.10
N TRP A 10 -11.47 7.96 -16.02
CA TRP A 10 -11.02 9.33 -15.83
C TRP A 10 -11.11 9.70 -14.36
N LEU A 11 -10.11 10.42 -13.86
CA LEU A 11 -10.12 10.90 -12.49
C LEU A 11 -10.23 12.43 -12.46
N GLY A 12 -10.75 12.99 -13.54
CA GLY A 12 -11.07 14.42 -13.58
C GLY A 12 -9.85 15.31 -13.68
N ASN A 13 -10.05 16.61 -13.42
CA ASN A 13 -9.01 17.63 -13.58
C ASN A 13 -8.25 17.46 -14.90
N GLU A 14 -6.92 17.34 -14.83
CA GLU A 14 -6.08 17.18 -16.00
C GLU A 14 -5.67 15.71 -16.23
N THR A 15 -6.33 14.77 -15.57
CA THR A 15 -5.89 13.37 -15.70
C THR A 15 -6.34 12.85 -17.06
N LEU A 16 -5.74 11.72 -17.46
CA LEU A 16 -5.99 11.12 -18.77
C LEU A 16 -7.30 10.35 -18.84
N LYS A 17 -8.03 10.56 -19.93
CA LYS A 17 -9.22 9.76 -20.24
C LYS A 17 -8.77 8.53 -21.01
N VAL A 18 -9.03 7.35 -20.45
CA VAL A 18 -8.61 6.10 -21.05
C VAL A 18 -9.84 5.36 -21.56
N PRO A 19 -9.98 5.24 -22.88
CA PRO A 19 -11.17 4.59 -23.45
C PRO A 19 -11.21 3.12 -23.08
N LEU A 20 -12.38 2.63 -22.69
CA LEU A 20 -12.55 1.21 -22.41
C LEU A 20 -12.39 0.39 -23.69
N ALA A 21 -12.44 1.05 -24.84
CA ALA A 21 -12.08 0.42 -26.12
C ALA A 21 -10.67 -0.20 -26.14
N LEU A 22 -9.77 0.29 -25.29
CA LEU A 22 -8.40 -0.23 -25.17
C LEU A 22 -8.43 -1.72 -24.86
N PHE A 23 -9.26 -2.06 -23.88
CA PHE A 23 -9.38 -3.42 -23.39
C PHE A 23 -10.16 -4.29 -24.36
N ALA A 24 -11.15 -3.71 -25.02
CA ALA A 24 -11.81 -4.41 -26.12
C ALA A 24 -10.80 -4.81 -27.19
N LEU A 25 -9.88 -3.91 -27.53
CA LEU A 25 -8.91 -4.21 -28.57
C LEU A 25 -8.00 -5.35 -28.09
N ASN A 26 -7.64 -5.32 -26.81
CA ASN A 26 -6.80 -6.37 -26.26
C ASN A 26 -7.46 -7.72 -26.36
N ARG A 27 -8.75 -7.78 -26.06
CA ARG A 27 -9.48 -9.03 -26.12
C ARG A 27 -9.50 -9.57 -27.55
N GLN A 28 -9.75 -8.69 -28.50
CA GLN A 28 -9.77 -9.06 -29.90
C GLN A 28 -8.40 -9.58 -30.33
N ARG A 29 -7.35 -8.88 -29.92
CA ARG A 29 -6.00 -9.30 -30.26
C ARG A 29 -5.68 -10.69 -29.71
N LEU A 30 -6.09 -10.95 -28.48
CA LEU A 30 -5.89 -12.26 -27.87
C LEU A 30 -6.61 -13.36 -28.63
N CYS A 31 -7.88 -13.11 -28.96
CA CYS A 31 -8.65 -14.08 -29.75
C CYS A 31 -8.03 -14.32 -31.11
N GLU A 32 -7.63 -13.26 -31.79
CA GLU A 32 -6.97 -13.40 -33.08
C GLU A 32 -5.75 -14.31 -32.97
N ARG A 33 -5.02 -14.19 -31.87
CA ARG A 33 -3.84 -15.00 -31.69
C ARG A 33 -4.22 -16.46 -31.39
N LEU A 34 -5.20 -16.65 -30.53
CA LEU A 34 -5.62 -18.00 -30.17
C LEU A 34 -6.20 -18.74 -31.38
N ARG A 35 -6.92 -18.03 -32.22
CA ARG A 35 -7.53 -18.66 -33.39
C ARG A 35 -6.48 -19.26 -34.31
N LYS A 36 -5.25 -18.72 -34.27
CA LYS A 36 -4.17 -19.19 -35.13
C LYS A 36 -3.39 -20.33 -34.49
N ASN A 37 -3.71 -20.64 -33.24
CA ASN A 37 -3.00 -21.68 -32.50
C ASN A 37 -3.59 -23.06 -32.82
N PRO A 38 -2.79 -23.94 -33.45
CA PRO A 38 -3.37 -25.20 -33.94
C PRO A 38 -3.97 -26.07 -32.83
N ALA A 39 -3.60 -25.84 -31.57
CA ALA A 39 -4.09 -26.70 -30.48
C ALA A 39 -5.43 -26.19 -29.92
N VAL A 40 -5.82 -24.99 -30.29
CA VAL A 40 -7.05 -24.38 -29.76
C VAL A 40 -8.25 -24.99 -30.47
N GLN A 41 -9.13 -25.58 -29.67
CA GLN A 41 -10.34 -26.18 -30.16
C GLN A 41 -11.39 -25.12 -30.41
N ALA A 42 -12.21 -25.36 -31.43
CA ALA A 42 -13.35 -24.51 -31.68
C ALA A 42 -14.26 -24.56 -30.45
N GLY A 43 -14.92 -23.45 -30.17
CA GLY A 43 -15.79 -23.34 -29.00
C GLY A 43 -15.06 -23.17 -27.67
N SER A 44 -13.77 -22.83 -27.68
CA SER A 44 -13.05 -22.58 -26.45
C SER A 44 -13.47 -21.25 -25.83
N ILE A 45 -13.39 -21.18 -24.50
CA ILE A 45 -13.70 -19.95 -23.76
C ILE A 45 -12.56 -19.63 -22.82
N VAL A 46 -12.01 -18.43 -22.94
CA VAL A 46 -11.02 -17.95 -21.99
C VAL A 46 -11.70 -17.60 -20.69
N VAL A 47 -11.17 -18.09 -19.58
CA VAL A 47 -11.70 -17.76 -18.26
C VAL A 47 -10.62 -17.14 -17.40
N LEU A 48 -10.86 -15.87 -17.00
CA LEU A 48 -9.94 -15.16 -16.12
C LEU A 48 -10.63 -14.82 -14.80
N GLN A 49 -9.91 -14.95 -13.70
CA GLN A 49 -10.41 -14.56 -12.40
C GLN A 49 -9.70 -13.29 -11.94
N GLY A 50 -10.48 -12.30 -11.55
CA GLY A 50 -9.92 -11.06 -11.05
C GLY A 50 -9.43 -11.20 -9.64
N GLY A 51 -8.76 -10.15 -9.14
CA GLY A 51 -8.31 -10.12 -7.76
C GLY A 51 -9.45 -9.88 -6.79
N GLU A 52 -9.21 -10.25 -5.54
CA GLU A 52 -10.13 -10.00 -4.43
C GLU A 52 -9.47 -9.10 -3.41
N GLU A 53 -10.27 -8.53 -2.55
CA GLU A 53 -9.84 -7.63 -1.47
C GLU A 53 -9.10 -8.45 -0.44
N THR A 54 -7.97 -7.96 0.04
CA THR A 54 -7.24 -8.66 1.07
C THR A 54 -7.14 -7.78 2.31
N GLN A 55 -6.93 -8.38 3.46
CA GLN A 55 -6.76 -7.67 4.75
C GLN A 55 -5.36 -7.97 5.29
N ARG A 56 -4.86 -7.14 6.19
CA ARG A 56 -3.57 -7.37 6.85
C ARG A 56 -3.66 -8.53 7.80
N TYR A 57 -3.04 -9.67 7.47
CA TYR A 57 -2.98 -10.79 8.39
C TYR A 57 -4.40 -11.16 8.85
N CYS A 58 -4.62 -11.28 10.16
CA CYS A 58 -5.92 -11.69 10.69
C CYS A 58 -6.81 -10.48 11.07
N THR A 59 -6.37 -9.27 10.73
CA THR A 59 -7.09 -8.06 11.11
C THR A 59 -8.15 -7.73 10.08
N ASP A 60 -8.97 -6.71 10.36
CA ASP A 60 -9.90 -6.22 9.33
C ASP A 60 -9.33 -4.97 8.63
N THR A 61 -8.04 -4.71 8.80
CA THR A 61 -7.39 -3.60 8.10
C THR A 61 -7.25 -3.92 6.61
N GLY A 62 -7.89 -3.13 5.76
CA GLY A 62 -7.84 -3.42 4.34
C GLY A 62 -6.48 -3.09 3.73
N VAL A 63 -6.06 -3.92 2.77
CA VAL A 63 -4.93 -3.61 1.90
C VAL A 63 -5.47 -2.95 0.63
N LEU A 64 -4.85 -1.86 0.23
CA LEU A 64 -5.27 -1.14 -0.97
C LEU A 64 -5.39 -2.10 -2.15
N PHE A 65 -6.58 -2.19 -2.74
CA PHE A 65 -6.78 -3.15 -3.82
C PHE A 65 -6.17 -2.67 -5.13
N ARG A 66 -5.48 -3.58 -5.81
CA ARG A 66 -4.96 -3.33 -7.14
C ARG A 66 -5.26 -4.58 -7.98
N GLN A 67 -5.87 -4.36 -9.15
CA GLN A 67 -6.34 -5.45 -10.00
C GLN A 67 -5.19 -6.34 -10.46
N GLU A 68 -5.49 -7.61 -10.65
CA GLU A 68 -4.53 -8.53 -11.22
C GLU A 68 -4.24 -8.10 -12.67
N SER A 69 -2.97 -8.18 -13.07
CA SER A 69 -2.52 -7.59 -14.34
C SER A 69 -3.10 -8.23 -15.60
N PHE A 70 -3.16 -9.56 -15.70
CA PHE A 70 -3.73 -10.15 -16.90
C PHE A 70 -5.22 -9.78 -16.99
N PHE A 71 -5.90 -9.85 -15.85
CA PHE A 71 -7.32 -9.52 -15.82
C PHE A 71 -7.57 -8.05 -16.16
N HIS A 72 -6.75 -7.16 -15.60
CA HIS A 72 -6.83 -5.75 -16.00
C HIS A 72 -6.62 -5.55 -17.52
N TRP A 73 -5.61 -6.23 -18.06
CA TRP A 73 -5.26 -6.09 -19.47
C TRP A 73 -6.42 -6.44 -20.37
N ALA A 74 -7.16 -7.45 -19.95
CA ALA A 74 -8.28 -7.95 -20.72
C ALA A 74 -9.56 -7.13 -20.52
N PHE A 75 -9.76 -6.56 -19.32
CA PHE A 75 -11.06 -5.97 -18.97
C PHE A 75 -11.07 -4.56 -18.38
N GLY A 76 -9.95 -4.12 -17.81
CA GLY A 76 -9.90 -2.79 -17.21
C GLY A 76 -10.79 -2.63 -15.99
N VAL A 77 -11.15 -3.75 -15.37
CA VAL A 77 -12.12 -3.72 -14.27
C VAL A 77 -11.42 -3.39 -12.95
N THR A 78 -11.96 -2.40 -12.23
CA THR A 78 -11.36 -1.93 -10.98
C THR A 78 -11.94 -2.62 -9.75
N GLU A 79 -13.13 -3.22 -9.88
CA GLU A 79 -13.82 -3.83 -8.74
C GLU A 79 -13.23 -5.17 -8.35
N PRO A 80 -13.09 -5.45 -7.05
CA PRO A 80 -12.67 -6.77 -6.62
C PRO A 80 -13.78 -7.82 -6.76
N GLY A 81 -13.39 -9.10 -6.79
CA GLY A 81 -14.33 -10.20 -6.76
C GLY A 81 -14.98 -10.58 -8.08
N CYS A 82 -14.45 -10.09 -9.20
CA CYS A 82 -15.03 -10.37 -10.51
C CYS A 82 -14.31 -11.51 -11.25
N TYR A 83 -15.01 -12.07 -12.25
CA TYR A 83 -14.43 -12.94 -13.29
C TYR A 83 -14.74 -12.33 -14.65
N GLY A 84 -14.00 -12.77 -15.66
CA GLY A 84 -14.30 -12.37 -17.03
C GLY A 84 -13.95 -13.49 -17.99
N VAL A 85 -14.82 -13.71 -18.97
CA VAL A 85 -14.64 -14.76 -19.96
C VAL A 85 -14.75 -14.19 -21.36
N ILE A 86 -14.15 -14.89 -22.31
CA ILE A 86 -14.13 -14.43 -23.68
C ILE A 86 -14.30 -15.63 -24.59
N ASP A 87 -15.35 -15.59 -25.41
CA ASP A 87 -15.58 -16.65 -26.37
C ASP A 87 -14.57 -16.47 -27.46
N VAL A 88 -13.72 -17.48 -27.66
CA VAL A 88 -12.60 -17.32 -28.59
C VAL A 88 -13.10 -17.14 -30.02
N ASP A 89 -14.13 -17.88 -30.40
CA ASP A 89 -14.55 -17.90 -31.78
C ASP A 89 -15.24 -16.60 -32.21
N THR A 90 -15.99 -15.99 -31.30
CA THR A 90 -16.77 -14.78 -31.60
C THR A 90 -16.18 -13.52 -30.97
N GLY A 91 -15.37 -13.70 -29.94
CA GLY A 91 -14.81 -12.58 -29.21
C GLY A 91 -15.73 -12.04 -28.13
N LYS A 92 -16.92 -12.64 -28.00
CA LYS A 92 -17.91 -12.14 -27.05
C LYS A 92 -17.36 -12.15 -25.63
N SER A 93 -17.52 -11.01 -24.94
CA SER A 93 -16.98 -10.85 -23.60
C SER A 93 -18.11 -10.80 -22.56
N THR A 94 -17.93 -11.53 -21.47
CA THR A 94 -18.88 -11.52 -20.36
C THR A 94 -18.13 -11.26 -19.07
N LEU A 95 -18.58 -10.24 -18.35
CA LEU A 95 -18.07 -9.89 -17.03
C LEU A 95 -18.99 -10.47 -15.97
N PHE A 96 -18.42 -11.10 -14.93
CA PHE A 96 -19.18 -11.59 -13.79
C PHE A 96 -18.84 -10.74 -12.58
N VAL A 97 -19.86 -10.14 -11.98
CA VAL A 97 -19.67 -9.26 -10.83
C VAL A 97 -20.32 -9.84 -9.58
N PRO A 98 -19.80 -9.50 -8.39
CA PRO A 98 -20.41 -9.97 -7.16
C PRO A 98 -21.83 -9.48 -7.00
N ARG A 99 -22.68 -10.34 -6.48
CA ARG A 99 -24.03 -9.97 -6.08
C ARG A 99 -23.95 -9.40 -4.67
N LEU A 100 -24.22 -8.11 -4.51
CA LEU A 100 -23.99 -7.44 -3.22
C LEU A 100 -25.26 -7.34 -2.37
N ILE A 111 -25.84 0.30 -4.80
CA ILE A 111 -25.63 -1.02 -5.40
C ILE A 111 -26.02 -0.98 -6.87
N HIS A 112 -25.04 -1.16 -7.74
CA HIS A 112 -25.24 -0.99 -9.18
C HIS A 112 -25.80 -2.24 -9.85
N SER A 113 -26.55 -2.01 -10.93
CA SER A 113 -27.11 -3.09 -11.72
C SER A 113 -26.02 -3.74 -12.57
N LYS A 114 -26.35 -4.90 -13.16
CA LYS A 114 -25.49 -5.50 -14.15
C LYS A 114 -25.41 -4.59 -15.36
N GLU A 115 -26.52 -3.93 -15.65
CA GLU A 115 -26.63 -3.00 -16.79
C GLU A 115 -25.63 -1.86 -16.62
N HIS A 116 -25.44 -1.43 -15.38
CA HIS A 116 -24.47 -0.40 -15.07
C HIS A 116 -23.06 -0.86 -15.47
N PHE A 117 -22.68 -2.06 -15.06
CA PHE A 117 -21.35 -2.58 -15.36
C PHE A 117 -21.14 -2.83 -16.85
N LYS A 118 -22.18 -3.27 -17.56
CA LYS A 118 -22.08 -3.48 -19.00
C LYS A 118 -21.73 -2.17 -19.70
N GLU A 119 -22.45 -1.12 -19.32
CA GLU A 119 -22.29 0.21 -19.90
C GLU A 119 -20.92 0.81 -19.56
N LYS A 120 -20.51 0.66 -18.31
CA LYS A 120 -19.23 1.15 -17.81
C LYS A 120 -18.01 0.52 -18.50
N TYR A 121 -18.10 -0.77 -18.81
CA TYR A 121 -16.92 -1.52 -19.28
C TYR A 121 -17.01 -1.91 -20.76
N ALA A 122 -18.16 -1.59 -21.36
CA ALA A 122 -18.40 -1.86 -22.77
C ALA A 122 -18.10 -3.33 -23.10
N VAL A 123 -18.62 -4.22 -22.27
CA VAL A 123 -18.56 -5.66 -22.53
C VAL A 123 -19.91 -6.11 -23.06
N ASP A 124 -19.98 -7.33 -23.57
CA ASP A 124 -21.18 -7.77 -24.28
C ASP A 124 -22.28 -8.24 -23.34
N ASP A 125 -21.89 -8.71 -22.16
CA ASP A 125 -22.87 -9.18 -21.18
C ASP A 125 -22.30 -9.13 -19.78
N VAL A 126 -23.17 -8.93 -18.79
CA VAL A 126 -22.79 -8.98 -17.39
C VAL A 126 -23.70 -9.97 -16.68
N GLN A 127 -23.12 -10.78 -15.80
CA GLN A 127 -23.87 -11.72 -14.98
C GLN A 127 -23.32 -11.65 -13.56
N TYR A 128 -23.96 -12.31 -12.62
CA TYR A 128 -23.42 -12.41 -11.27
C TYR A 128 -22.45 -13.58 -11.15
N VAL A 129 -21.50 -13.45 -10.24
CA VAL A 129 -20.46 -14.45 -10.04
C VAL A 129 -21.03 -15.81 -9.59
N ASP A 130 -22.10 -15.81 -8.81
CA ASP A 130 -22.64 -17.09 -8.34
C ASP A 130 -23.38 -17.85 -9.44
N GLU A 131 -23.50 -17.26 -10.62
CA GLU A 131 -24.14 -17.91 -11.76
C GLU A 131 -23.14 -18.35 -12.83
N ILE A 132 -21.84 -18.26 -12.55
CA ILE A 132 -20.84 -18.46 -13.60
C ILE A 132 -20.88 -19.89 -14.15
N ALA A 133 -21.09 -20.90 -13.31
CA ALA A 133 -21.14 -22.29 -13.79
C ALA A 133 -22.34 -22.51 -14.71
N SER A 134 -23.49 -21.97 -14.31
CA SER A 134 -24.71 -22.09 -15.09
CA SER A 134 -24.71 -22.10 -15.09
C SER A 134 -24.59 -21.40 -16.44
N VAL A 135 -24.03 -20.19 -16.44
CA VAL A 135 -23.90 -19.43 -17.66
C VAL A 135 -22.93 -20.13 -18.63
N LEU A 136 -21.78 -20.58 -18.13
CA LEU A 136 -20.81 -21.25 -19.00
C LEU A 136 -21.35 -22.58 -19.50
N THR A 137 -22.11 -23.28 -18.65
CA THR A 137 -22.67 -24.55 -19.06
C THR A 137 -23.64 -24.36 -20.22
N SER A 138 -24.50 -23.35 -20.11
CA SER A 138 -25.49 -23.07 -21.14
C SER A 138 -24.85 -22.78 -22.49
N GLN A 139 -23.62 -22.28 -22.48
CA GLN A 139 -22.93 -21.91 -23.71
C GLN A 139 -22.15 -23.10 -24.32
N LYS A 140 -22.10 -24.22 -23.58
CA LYS A 140 -21.62 -25.49 -24.10
C LYS A 140 -20.25 -25.43 -24.78
N PRO A 141 -19.22 -25.01 -24.02
CA PRO A 141 -17.87 -24.89 -24.57
C PRO A 141 -17.18 -26.24 -24.76
N SER A 142 -16.24 -26.31 -25.69
CA SER A 142 -15.39 -27.49 -25.82
C SER A 142 -14.45 -27.55 -24.61
N VAL A 143 -13.83 -26.42 -24.29
CA VAL A 143 -12.87 -26.36 -23.22
C VAL A 143 -12.74 -24.94 -22.69
N LEU A 144 -12.37 -24.85 -21.42
CA LEU A 144 -12.07 -23.57 -20.77
C LEU A 144 -10.57 -23.38 -20.78
N LEU A 145 -10.13 -22.23 -21.29
CA LEU A 145 -8.70 -21.88 -21.31
C LEU A 145 -8.41 -21.02 -20.10
N THR A 146 -7.66 -21.59 -19.15
CA THR A 146 -7.32 -20.86 -17.94
C THR A 146 -5.85 -20.53 -17.91
N LEU A 147 -5.51 -19.60 -17.01
CA LEU A 147 -4.20 -19.00 -16.96
C LEU A 147 -3.29 -19.72 -15.97
N ARG A 148 -2.21 -20.31 -16.47
CA ARG A 148 -1.19 -20.90 -15.64
C ARG A 148 0.15 -20.86 -16.37
N GLY A 149 1.16 -20.31 -15.72
CA GLY A 149 2.47 -20.23 -16.31
C GLY A 149 3.43 -19.68 -15.28
N VAL A 150 4.70 -19.56 -15.64
CA VAL A 150 5.71 -19.10 -14.71
C VAL A 150 6.19 -17.71 -15.08
N ASN A 151 6.09 -16.79 -14.12
CA ASN A 151 6.64 -15.46 -14.26
C ASN A 151 8.15 -15.57 -14.12
N THR A 152 8.88 -15.06 -15.10
CA THR A 152 10.31 -15.34 -15.16
C THR A 152 11.13 -14.35 -14.33
N ASP A 153 10.44 -13.40 -13.71
CA ASP A 153 11.08 -12.45 -12.80
C ASP A 153 10.87 -12.85 -11.32
N SER A 154 9.68 -13.30 -10.99
CA SER A 154 9.41 -13.73 -9.61
C SER A 154 9.66 -15.22 -9.38
N GLY A 155 9.57 -16.02 -10.45
CA GLY A 155 9.55 -17.48 -10.33
C GLY A 155 8.20 -18.02 -9.92
N SER A 156 7.22 -17.14 -9.71
CA SER A 156 5.89 -17.56 -9.25
C SER A 156 5.03 -18.14 -10.37
N VAL A 157 4.14 -19.05 -10.02
CA VAL A 157 3.20 -19.62 -10.97
C VAL A 157 1.90 -18.87 -10.92
N CYS A 158 1.45 -18.38 -12.09
CA CYS A 158 0.19 -17.67 -12.18
C CYS A 158 -0.95 -18.54 -11.67
N ARG A 159 -1.84 -17.92 -10.91
CA ARG A 159 -2.96 -18.60 -10.29
C ARG A 159 -4.09 -18.79 -11.29
N GLU A 160 -4.42 -20.04 -11.56
CA GLU A 160 -5.51 -20.41 -12.46
C GLU A 160 -6.90 -20.05 -11.90
N ALA A 161 -7.79 -19.54 -12.74
CA ALA A 161 -9.18 -19.29 -12.31
C ALA A 161 -9.82 -20.57 -11.80
N SER A 162 -10.65 -20.40 -10.77
CA SER A 162 -11.43 -21.51 -10.22
C SER A 162 -12.76 -20.96 -9.75
N PHE A 163 -13.83 -21.76 -9.92
CA PHE A 163 -15.14 -21.42 -9.39
C PHE A 163 -15.90 -22.69 -9.03
N ASP A 164 -16.99 -22.56 -8.26
CA ASP A 164 -17.79 -23.70 -7.89
CA ASP A 164 -17.77 -23.72 -7.88
C ASP A 164 -18.38 -24.36 -9.12
N GLY A 165 -18.04 -25.63 -9.35
CA GLY A 165 -18.55 -26.37 -10.48
C GLY A 165 -17.61 -26.43 -11.67
N ILE A 166 -16.40 -25.88 -11.55
CA ILE A 166 -15.48 -25.86 -12.68
C ILE A 166 -15.01 -27.29 -13.01
N SER A 167 -15.06 -28.17 -12.01
CA SER A 167 -14.67 -29.57 -12.18
C SER A 167 -15.49 -30.27 -13.26
N LYS A 168 -16.67 -29.76 -13.55
CA LYS A 168 -17.56 -30.37 -14.54
C LYS A 168 -17.13 -30.06 -15.99
N PHE A 169 -16.17 -29.16 -16.15
CA PHE A 169 -15.74 -28.73 -17.48
C PHE A 169 -14.41 -29.34 -17.86
N GLU A 170 -14.17 -29.46 -19.16
CA GLU A 170 -12.81 -29.74 -19.63
C GLU A 170 -12.03 -28.43 -19.53
N VAL A 171 -10.88 -28.47 -18.86
CA VAL A 171 -10.04 -27.28 -18.65
C VAL A 171 -8.64 -27.48 -19.21
N ASN A 172 -8.15 -26.50 -19.96
CA ASN A 172 -6.77 -26.50 -20.44
C ASN A 172 -6.06 -25.32 -19.81
N ASN A 173 -4.90 -25.55 -19.21
CA ASN A 173 -4.20 -24.49 -18.51
C ASN A 173 -2.80 -24.26 -19.03
N THR A 174 -2.50 -24.81 -20.21
CA THR A 174 -1.20 -24.64 -20.83
C THR A 174 -1.19 -23.66 -22.01
N ILE A 175 -2.31 -23.54 -22.72
CA ILE A 175 -2.33 -22.79 -23.98
C ILE A 175 -2.29 -21.29 -23.81
N LEU A 176 -3.10 -20.80 -22.89
CA LEU A 176 -3.38 -19.37 -22.77
C LEU A 176 -2.18 -18.52 -22.39
N HIS A 177 -1.47 -18.91 -21.33
CA HIS A 177 -0.42 -18.07 -20.77
C HIS A 177 0.57 -17.54 -21.82
N PRO A 178 1.23 -18.42 -22.58
CA PRO A 178 2.18 -17.85 -23.55
C PRO A 178 1.54 -16.91 -24.59
N GLU A 179 0.27 -17.12 -24.88
CA GLU A 179 -0.39 -16.35 -25.92
C GLU A 179 -0.81 -14.97 -25.41
N ILE A 180 -1.37 -14.91 -24.20
CA ILE A 180 -1.73 -13.62 -23.63
C ILE A 180 -0.47 -12.85 -23.19
N VAL A 181 0.56 -13.56 -22.73
CA VAL A 181 1.83 -12.90 -22.48
C VAL A 181 2.37 -12.23 -23.74
N GLU A 182 2.36 -12.94 -24.86
CA GLU A 182 2.88 -12.38 -26.10
C GLU A 182 2.10 -11.12 -26.51
N CYS A 183 0.78 -11.12 -26.37
CA CYS A 183 0.01 -9.92 -26.67
C CYS A 183 0.45 -8.74 -25.81
N ARG A 184 0.70 -9.00 -24.53
CA ARG A 184 1.09 -7.94 -23.61
C ARG A 184 2.45 -7.35 -23.96
N VAL A 185 3.29 -8.15 -24.57
CA VAL A 185 4.62 -7.68 -24.98
C VAL A 185 4.54 -6.51 -25.98
N PHE A 186 3.52 -6.54 -26.84
CA PHE A 186 3.39 -5.53 -27.89
C PHE A 186 2.26 -4.56 -27.55
N LYS A 187 2.62 -3.30 -27.35
CA LYS A 187 1.67 -2.32 -26.85
C LYS A 187 0.89 -1.69 -28.00
N THR A 188 -0.42 -1.56 -27.82
CA THR A 188 -1.25 -0.87 -28.80
C THR A 188 -1.04 0.63 -28.72
N ASP A 189 -1.50 1.38 -29.72
CA ASP A 189 -1.43 2.83 -29.66
C ASP A 189 -2.17 3.39 -28.44
N MET A 190 -3.30 2.77 -28.07
CA MET A 190 -4.05 3.20 -26.89
C MET A 190 -3.28 2.95 -25.60
N GLU A 191 -2.60 1.82 -25.51
CA GLU A 191 -1.78 1.55 -24.35
C GLU A 191 -0.62 2.54 -24.28
N LEU A 192 -0.02 2.83 -25.43
CA LEU A 192 1.12 3.75 -25.46
C LEU A 192 0.71 5.15 -25.00
N GLU A 193 -0.53 5.54 -25.28
CA GLU A 193 -1.01 6.83 -24.80
C GLU A 193 -0.98 6.90 -23.28
N VAL A 194 -1.35 5.82 -22.62
CA VAL A 194 -1.36 5.81 -21.16
C VAL A 194 0.07 5.80 -20.62
N LEU A 195 0.96 5.02 -21.24
CA LEU A 195 2.35 4.97 -20.81
C LEU A 195 3.07 6.30 -21.08
N ARG A 196 2.69 7.01 -22.13
CA ARG A 196 3.19 8.37 -22.33
C ARG A 196 2.75 9.25 -21.17
N TYR A 197 1.50 9.13 -20.78
CA TYR A 197 0.94 9.92 -19.68
C TYR A 197 1.60 9.58 -18.33
N THR A 198 1.79 8.29 -18.03
CA THR A 198 2.41 7.96 -16.77
C THR A 198 3.85 8.46 -16.75
N ASN A 199 4.53 8.38 -17.88
CA ASN A 199 5.87 8.96 -17.95
C ASN A 199 5.91 10.48 -17.83
N LYS A 200 4.91 11.14 -18.37
CA LYS A 200 4.80 12.59 -18.25
C LYS A 200 4.71 13.02 -16.79
N ILE A 201 3.75 12.46 -16.07
CA ILE A 201 3.52 12.83 -14.67
C ILE A 201 4.72 12.46 -13.79
N SER A 202 5.25 11.25 -13.96
CA SER A 202 6.40 10.83 -13.16
C SER A 202 7.61 11.69 -13.47
N SER A 203 7.74 12.12 -14.73
CA SER A 203 8.83 12.98 -15.12
C SER A 203 8.69 14.31 -14.41
N GLU A 204 7.48 14.83 -14.39
CA GLU A 204 7.23 16.10 -13.73
C GLU A 204 7.53 15.98 -12.24
N ALA A 205 7.11 14.88 -11.63
CA ALA A 205 7.36 14.64 -10.20
C ALA A 205 8.86 14.52 -9.93
N HIS A 206 9.61 13.87 -10.82
CA HIS A 206 11.07 13.80 -10.66
C HIS A 206 11.70 15.18 -10.70
N ARG A 207 11.19 16.05 -11.57
CA ARG A 207 11.70 17.42 -11.62
C ARG A 207 11.45 18.14 -10.31
N GLU A 208 10.28 17.93 -9.74
CA GLU A 208 9.92 18.58 -8.48
C GLU A 208 10.83 18.11 -7.35
N VAL A 209 11.15 16.82 -7.37
CA VAL A 209 12.08 16.25 -6.40
C VAL A 209 13.44 16.91 -6.52
N MET A 210 13.96 17.02 -7.74
CA MET A 210 15.26 17.65 -7.95
CA MET A 210 15.26 17.65 -7.97
C MET A 210 15.29 19.09 -7.47
N LYS A 211 14.18 19.81 -7.64
CA LYS A 211 14.09 21.20 -7.19
C LYS A 211 13.98 21.31 -5.68
N ALA A 212 13.44 20.27 -5.04
CA ALA A 212 13.12 20.34 -3.63
C ALA A 212 14.25 19.81 -2.74
N VAL A 213 15.12 18.95 -3.28
CA VAL A 213 16.17 18.36 -2.47
C VAL A 213 17.06 19.42 -1.83
N LYS A 214 17.25 19.29 -0.53
CA LYS A 214 18.17 20.11 0.24
C LYS A 214 19.00 19.20 1.13
N VAL A 215 20.28 19.51 1.27
CA VAL A 215 21.14 18.81 2.22
C VAL A 215 20.48 18.88 3.59
N GLY A 216 20.44 17.75 4.27
CA GLY A 216 19.86 17.66 5.60
C GLY A 216 18.51 16.99 5.61
N MET A 217 17.87 16.93 4.44
CA MET A 217 16.57 16.28 4.35
C MET A 217 16.72 14.76 4.46
N LYS A 218 15.62 14.12 4.80
CA LYS A 218 15.53 12.67 4.78
C LYS A 218 15.04 12.23 3.40
N GLU A 219 15.59 11.14 2.88
CA GLU A 219 15.15 10.64 1.58
C GLU A 219 13.64 10.44 1.48
N TYR A 220 13.00 9.95 2.54
CA TYR A 220 11.56 9.67 2.46
C TYR A 220 10.75 10.95 2.31
N GLU A 221 11.32 12.10 2.62
CA GLU A 221 10.63 13.35 2.38
C GLU A 221 10.46 13.57 0.87
N LEU A 222 11.44 13.15 0.09
CA LEU A 222 11.34 13.30 -1.37
C LEU A 222 10.47 12.19 -1.95
N GLU A 223 10.54 11.00 -1.39
CA GLU A 223 9.60 9.95 -1.79
C GLU A 223 8.17 10.48 -1.58
N SER A 224 7.94 11.12 -0.44
CA SER A 224 6.58 11.58 -0.13
C SER A 224 6.12 12.63 -1.15
N LEU A 225 7.01 13.55 -1.48
CA LEU A 225 6.67 14.63 -2.39
C LEU A 225 6.32 14.04 -3.74
N PHE A 226 7.10 13.04 -4.15
CA PHE A 226 6.90 12.39 -5.44
C PHE A 226 5.52 11.76 -5.52
N GLU A 227 5.13 11.05 -4.47
CA GLU A 227 3.84 10.37 -4.46
C GLU A 227 2.69 11.37 -4.43
N HIS A 228 2.91 12.46 -3.72
CA HIS A 228 1.90 13.49 -3.61
C HIS A 228 1.67 14.15 -4.98
N TYR A 229 2.75 14.47 -5.69
CA TYR A 229 2.63 15.05 -7.02
C TYR A 229 1.87 14.10 -7.96
N CYS A 230 2.29 12.84 -8.00
CA CYS A 230 1.64 11.84 -8.85
C CYS A 230 0.18 11.62 -8.50
N TYR A 231 -0.15 11.59 -7.21
CA TYR A 231 -1.55 11.34 -6.82
C TYR A 231 -2.37 12.58 -7.09
N SER A 232 -1.98 13.69 -6.49
CA SER A 232 -2.84 14.88 -6.54
C SER A 232 -2.96 15.48 -7.95
N ARG A 233 -1.83 15.54 -8.63
CA ARG A 233 -1.84 15.98 -10.05
CA ARG A 233 -1.93 15.99 -10.10
C ARG A 233 -2.05 14.96 -11.23
N GLY A 234 -1.79 13.70 -10.89
CA GLY A 234 -1.90 12.64 -11.88
C GLY A 234 -2.99 11.60 -11.68
N GLY A 235 -3.58 11.56 -10.49
CA GLY A 235 -4.56 10.53 -10.18
C GLY A 235 -3.87 9.19 -10.08
N MET A 236 -2.60 9.22 -9.76
CA MET A 236 -1.82 7.99 -9.61
CA MET A 236 -1.82 8.00 -9.65
C MET A 236 -1.78 7.61 -8.16
N ARG A 237 -2.73 6.81 -7.74
CA ARG A 237 -2.91 6.31 -6.36
C ARG A 237 -1.76 5.43 -5.95
N HIS A 238 -1.32 4.56 -6.84
CA HIS A 238 -0.22 3.64 -6.55
C HIS A 238 1.10 4.15 -7.12
N SER A 239 2.18 3.88 -6.38
CA SER A 239 3.50 3.80 -6.98
C SER A 239 3.54 2.48 -7.74
N SER A 240 4.26 2.45 -8.86
CA SER A 240 4.34 1.22 -9.66
C SER A 240 5.05 0.14 -8.86
N TYR A 241 6.05 0.55 -8.08
CA TYR A 241 6.89 -0.36 -7.30
C TYR A 241 7.32 0.36 -6.02
N THR A 242 7.93 -0.38 -5.11
CA THR A 242 8.46 0.24 -3.89
C THR A 242 9.57 1.23 -4.27
N CYS A 243 9.40 2.48 -3.83
CA CYS A 243 10.27 3.57 -4.25
C CYS A 243 11.70 3.47 -3.70
N ILE A 244 12.69 3.54 -4.58
CA ILE A 244 14.11 3.48 -4.20
C ILE A 244 14.71 4.89 -4.19
N CYS A 245 15.15 5.34 -3.01
CA CYS A 245 15.51 6.74 -2.80
C CYS A 245 16.96 6.97 -2.40
N GLY A 246 17.90 6.44 -3.18
CA GLY A 246 19.31 6.45 -2.86
C GLY A 246 19.98 7.78 -2.51
N SER A 247 21.14 7.68 -1.85
CA SER A 247 21.98 8.83 -1.52
C SER A 247 23.29 8.37 -0.90
N ALA A 261 8.60 1.07 4.82
CA ALA A 261 10.04 0.79 4.74
C ALA A 261 10.84 2.05 4.43
N PRO A 262 10.54 3.17 5.14
CA PRO A 262 11.04 4.47 4.67
C PRO A 262 12.57 4.59 4.65
N ASN A 263 13.08 5.12 3.55
CA ASN A 263 14.49 5.43 3.45
C ASN A 263 14.76 6.64 4.34
N ASP A 264 15.32 6.39 5.52
CA ASP A 264 15.56 7.45 6.49
C ASP A 264 17.02 7.82 6.55
N ARG A 265 17.71 7.69 5.43
CA ARG A 265 19.06 8.22 5.34
C ARG A 265 19.00 9.73 5.16
N THR A 266 19.87 10.43 5.87
CA THR A 266 19.97 11.88 5.74
C THR A 266 20.81 12.19 4.51
N ILE A 267 20.26 13.04 3.64
CA ILE A 267 20.98 13.46 2.45
C ILE A 267 22.13 14.38 2.91
N GLN A 268 23.36 13.96 2.63
CA GLN A 268 24.55 14.67 3.09
CA GLN A 268 24.53 14.69 3.09
C GLN A 268 25.20 15.47 1.96
N ASN A 269 25.83 16.58 2.33
CA ASN A 269 26.60 17.38 1.40
C ASN A 269 27.66 16.48 0.79
N GLY A 270 27.80 16.53 -0.53
CA GLY A 270 28.77 15.70 -1.23
C GLY A 270 28.20 14.39 -1.76
N ASP A 271 27.03 13.99 -1.26
CA ASP A 271 26.37 12.79 -1.76
C ASP A 271 25.95 12.90 -3.23
N MET A 272 25.83 11.74 -3.85
CA MET A 272 25.21 11.59 -5.17
C MET A 272 23.86 10.94 -4.91
N CYS A 273 22.78 11.64 -5.16
CA CYS A 273 21.44 11.10 -4.97
C CYS A 273 21.08 10.22 -6.15
N LEU A 274 20.31 9.18 -5.87
CA LEU A 274 19.74 8.32 -6.89
C LEU A 274 18.29 8.12 -6.46
N PHE A 275 17.36 8.56 -7.30
CA PHE A 275 15.94 8.43 -7.03
C PHE A 275 15.30 7.64 -8.13
N ASP A 276 14.78 6.48 -7.76
CA ASP A 276 14.18 5.54 -8.68
C ASP A 276 12.73 5.39 -8.25
N MET A 277 11.84 5.99 -9.03
CA MET A 277 10.41 6.04 -8.68
C MET A 277 9.55 6.18 -9.93
N GLY A 278 8.36 5.60 -9.90
CA GLY A 278 7.45 5.75 -11.03
C GLY A 278 6.02 5.54 -10.59
N GLY A 279 5.14 6.45 -10.98
CA GLY A 279 3.73 6.29 -10.64
C GLY A 279 3.02 5.32 -11.57
N GLU A 280 1.85 4.87 -11.13
CA GLU A 280 0.98 3.99 -11.90
C GLU A 280 -0.38 4.67 -12.11
N TYR A 281 -0.88 4.65 -13.34
CA TYR A 281 -2.20 5.19 -13.65
C TYR A 281 -3.06 4.09 -14.23
N TYR A 282 -4.17 3.77 -13.56
CA TYR A 282 -5.09 2.74 -14.07
C TYR A 282 -4.33 1.46 -14.40
N CYS A 283 -3.42 1.09 -13.50
CA CYS A 283 -2.60 -0.13 -13.62
C CYS A 283 -1.62 -0.13 -14.81
N PHE A 284 -1.24 1.05 -15.31
CA PHE A 284 -0.17 1.16 -16.29
C PHE A 284 1.00 1.81 -15.60
N ALA A 285 2.17 1.20 -15.75
CA ALA A 285 3.32 1.57 -14.94
C ALA A 285 4.19 2.65 -15.55
N SER A 286 5.15 3.11 -14.76
CA SER A 286 6.27 3.88 -15.25
C SER A 286 7.43 3.55 -14.34
N ASP A 287 8.66 3.78 -14.80
CA ASP A 287 9.83 3.41 -14.03
C ASP A 287 10.96 4.31 -14.49
N ILE A 288 11.29 5.31 -13.67
CA ILE A 288 12.27 6.32 -14.00
C ILE A 288 13.28 6.47 -12.88
N THR A 289 14.54 6.66 -13.25
CA THR A 289 15.60 6.91 -12.27
C THR A 289 16.36 8.14 -12.67
N CYS A 290 16.54 9.03 -11.69
CA CYS A 290 17.38 10.21 -11.83
C CYS A 290 18.50 10.12 -10.80
N SER A 291 19.69 10.52 -11.24
CA SER A 291 20.83 10.66 -10.35
C SER A 291 21.34 12.08 -10.43
N PHE A 292 21.68 12.67 -9.29
CA PHE A 292 22.16 14.05 -9.26
C PHE A 292 22.86 14.33 -7.94
N PRO A 293 23.75 15.34 -7.90
CA PRO A 293 24.42 15.68 -6.65
C PRO A 293 23.49 16.31 -5.64
N ALA A 294 23.55 15.85 -4.39
CA ALA A 294 22.69 16.36 -3.34
C ALA A 294 22.76 17.87 -3.23
N ASN A 295 23.96 18.43 -3.43
CA ASN A 295 24.14 19.86 -3.21
C ASN A 295 24.01 20.66 -4.50
N GLY A 296 23.59 20.02 -5.57
CA GLY A 296 23.35 20.74 -6.82
C GLY A 296 24.56 21.01 -7.72
N LYS A 297 25.75 20.57 -7.30
CA LYS A 297 26.94 20.78 -8.11
C LYS A 297 27.75 19.50 -8.19
N PHE A 298 27.93 19.02 -9.42
CA PHE A 298 28.76 17.86 -9.69
C PHE A 298 30.22 18.18 -9.37
N THR A 299 30.89 17.30 -8.63
CA THR A 299 32.33 17.34 -8.55
C THR A 299 32.89 16.74 -9.84
N ALA A 300 34.19 16.91 -10.06
CA ALA A 300 34.85 16.35 -11.23
C ALA A 300 34.62 14.83 -11.32
N ASP A 301 34.76 14.14 -10.21
CA ASP A 301 34.58 12.68 -10.18
C ASP A 301 33.14 12.29 -10.47
N GLN A 302 32.21 13.03 -9.87
CA GLN A 302 30.78 12.78 -10.09
C GLN A 302 30.41 13.04 -11.53
N LYS A 303 30.91 14.14 -12.08
CA LYS A 303 30.65 14.45 -13.48
C LYS A 303 31.20 13.34 -14.39
N ALA A 304 32.40 12.86 -14.07
CA ALA A 304 33.02 11.82 -14.89
C ALA A 304 32.16 10.53 -14.89
N VAL A 305 31.78 10.04 -13.71
CA VAL A 305 30.99 8.83 -13.62
C VAL A 305 29.61 9.07 -14.22
N TYR A 306 28.98 10.19 -13.85
CA TYR A 306 27.65 10.47 -14.36
C TYR A 306 27.65 10.53 -15.90
N GLU A 307 28.61 11.23 -16.48
CA GLU A 307 28.60 11.38 -17.93
C GLU A 307 28.94 10.06 -18.65
N ALA A 308 29.56 9.13 -17.94
CA ALA A 308 29.79 7.80 -18.52
C ALA A 308 28.45 7.08 -18.70
N VAL A 309 27.58 7.20 -17.70
CA VAL A 309 26.29 6.56 -17.79
C VAL A 309 25.37 7.29 -18.74
N LEU A 310 25.53 8.61 -18.81
CA LEU A 310 24.78 9.38 -19.79
C LEU A 310 25.15 8.90 -21.20
N ARG A 311 26.44 8.70 -21.40
CA ARG A 311 26.95 8.26 -22.69
C ARG A 311 26.39 6.86 -23.04
N SER A 312 26.44 5.90 -22.10
CA SER A 312 25.92 4.55 -22.41
C SER A 312 24.40 4.59 -22.62
N SER A 313 23.69 5.37 -21.81
CA SER A 313 22.26 5.59 -21.98
C SER A 313 21.91 6.04 -23.41
N ARG A 314 22.57 7.09 -23.86
CA ARG A 314 22.36 7.69 -25.19
C ARG A 314 22.83 6.74 -26.28
N ALA A 315 23.89 5.96 -26.05
CA ALA A 315 24.38 5.03 -27.05
C ALA A 315 23.38 3.89 -27.24
N VAL A 316 22.84 3.40 -26.14
CA VAL A 316 21.87 2.30 -26.24
C VAL A 316 20.58 2.78 -26.90
N MET A 317 20.04 3.91 -26.45
CA MET A 317 18.82 4.42 -27.07
C MET A 317 18.98 4.63 -28.56
N GLY A 318 20.14 5.20 -28.94
CA GLY A 318 20.43 5.45 -30.34
C GLY A 318 20.53 4.18 -31.17
N ALA A 319 21.03 3.11 -30.57
CA ALA A 319 21.30 1.91 -31.33
C ALA A 319 20.07 1.01 -31.45
N MET A 320 19.12 1.21 -30.55
CA MET A 320 17.90 0.40 -30.53
C MET A 320 17.00 0.58 -31.74
N LYS A 321 16.62 -0.54 -32.32
CA LYS A 321 15.73 -0.58 -33.46
C LYS A 321 15.31 -2.02 -33.63
N PRO A 322 14.26 -2.28 -34.42
CA PRO A 322 13.88 -3.68 -34.68
C PRO A 322 15.06 -4.53 -35.18
N GLY A 323 15.22 -5.72 -34.61
CA GLY A 323 16.28 -6.64 -34.99
C GLY A 323 17.47 -6.63 -34.05
N VAL A 324 17.60 -5.59 -33.24
CA VAL A 324 18.74 -5.52 -32.30
C VAL A 324 18.55 -6.56 -31.20
N TRP A 325 19.62 -7.27 -30.85
CA TRP A 325 19.59 -8.26 -29.78
C TRP A 325 19.86 -7.55 -28.45
N TRP A 326 18.94 -7.68 -27.50
CA TRP A 326 19.04 -6.90 -26.27
C TRP A 326 20.34 -7.16 -25.47
N PRO A 327 20.82 -8.43 -25.45
CA PRO A 327 22.12 -8.62 -24.79
C PRO A 327 23.27 -7.85 -25.45
N ASP A 328 23.21 -7.60 -26.76
CA ASP A 328 24.25 -6.79 -27.41
C ASP A 328 24.22 -5.36 -26.86
N MET A 329 23.02 -4.88 -26.52
CA MET A 329 22.89 -3.54 -25.94
C MET A 329 23.47 -3.52 -24.53
N HIS A 330 23.25 -4.58 -23.78
CA HIS A 330 23.85 -4.69 -22.46
C HIS A 330 25.38 -4.64 -22.56
N ARG A 331 25.94 -5.42 -23.48
CA ARG A 331 27.39 -5.46 -23.63
CA ARG A 331 27.39 -5.45 -23.60
C ARG A 331 27.93 -4.14 -24.20
N LEU A 332 27.10 -3.44 -24.97
CA LEU A 332 27.47 -2.11 -25.44
C LEU A 332 27.65 -1.17 -24.26
N ALA A 333 26.69 -1.20 -23.34
CA ALA A 333 26.78 -0.36 -22.15
C ALA A 333 28.02 -0.72 -21.34
N ASP A 334 28.30 -2.02 -21.19
CA ASP A 334 29.50 -2.49 -20.48
C ASP A 334 30.77 -1.90 -21.09
N ARG A 335 30.87 -2.00 -22.41
CA ARG A 335 32.05 -1.53 -23.12
C ARG A 335 32.28 -0.05 -22.87
N ILE A 336 31.22 0.74 -23.03
CA ILE A 336 31.30 2.18 -22.82
C ILE A 336 31.69 2.52 -21.38
N HIS A 337 31.10 1.81 -20.41
CA HIS A 337 31.46 2.06 -19.02
C HIS A 337 32.94 1.78 -18.77
N LEU A 338 33.44 0.69 -19.33
CA LEU A 338 34.83 0.31 -19.13
C LEU A 338 35.77 1.34 -19.78
N GLU A 339 35.39 1.81 -20.97
CA GLU A 339 36.17 2.83 -21.68
C GLU A 339 36.33 4.09 -20.84
N GLU A 340 35.22 4.50 -20.22
CA GLU A 340 35.19 5.73 -19.44
C GLU A 340 35.90 5.57 -18.10
N LEU A 341 35.71 4.43 -17.46
CA LEU A 341 36.44 4.13 -16.24
C LEU A 341 37.95 4.06 -16.50
N ALA A 342 38.35 3.54 -17.66
CA ALA A 342 39.78 3.54 -18.04
C ALA A 342 40.27 4.97 -18.22
N HIS A 343 39.47 5.78 -18.92
CA HIS A 343 39.80 7.21 -19.13
C HIS A 343 40.02 7.93 -17.81
N MET A 344 39.22 7.59 -16.81
CA MET A 344 39.28 8.20 -15.48
C MET A 344 40.47 7.74 -14.66
N GLY A 345 41.10 6.64 -15.09
CA GLY A 345 42.27 6.10 -14.42
C GLY A 345 41.94 4.98 -13.45
N ILE A 346 40.66 4.66 -13.30
CA ILE A 346 40.24 3.60 -12.40
C ILE A 346 40.71 2.25 -12.94
N LEU A 347 40.67 2.12 -14.26
CA LEU A 347 41.10 0.93 -14.98
C LEU A 347 42.27 1.21 -15.93
N SER A 348 43.05 0.18 -16.21
CA SER A 348 44.13 0.23 -17.20
C SER A 348 44.17 -1.05 -18.02
N GLY A 349 44.61 -0.94 -19.26
CA GLY A 349 44.80 -2.11 -20.11
C GLY A 349 43.81 -2.14 -21.26
N SER A 350 43.72 -3.29 -21.92
CA SER A 350 42.83 -3.48 -23.05
C SER A 350 41.38 -3.64 -22.62
N VAL A 351 40.52 -2.75 -23.10
CA VAL A 351 39.09 -2.84 -22.83
C VAL A 351 38.50 -4.11 -23.44
N ASP A 352 38.99 -4.50 -24.61
CA ASP A 352 38.67 -5.81 -25.18
C ASP A 352 38.93 -6.92 -24.15
N ALA A 353 40.10 -6.89 -23.53
CA ALA A 353 40.45 -7.91 -22.56
C ALA A 353 39.52 -7.79 -21.35
N MET A 354 39.21 -6.57 -20.97
CA MET A 354 38.29 -6.34 -19.84
C MET A 354 36.92 -6.97 -20.07
N VAL A 355 36.38 -6.78 -21.26
CA VAL A 355 35.07 -7.34 -21.61
C VAL A 355 35.13 -8.87 -21.59
N GLN A 356 36.22 -9.43 -22.10
CA GLN A 356 36.41 -10.89 -22.09
C GLN A 356 36.38 -11.43 -20.66
N ALA A 357 36.87 -10.64 -19.71
CA ALA A 357 36.91 -11.04 -18.31
C ALA A 357 35.65 -10.62 -17.55
N HIS A 358 34.64 -10.14 -18.28
CA HIS A 358 33.36 -9.73 -17.69
C HIS A 358 33.47 -8.62 -16.65
N LEU A 359 34.43 -7.72 -16.84
CA LEU A 359 34.72 -6.70 -15.84
C LEU A 359 33.59 -5.70 -15.73
N GLY A 360 32.82 -5.55 -16.80
CA GLY A 360 31.68 -4.65 -16.81
C GLY A 360 30.67 -4.95 -15.70
N ALA A 361 30.52 -6.24 -15.37
CA ALA A 361 29.51 -6.69 -14.41
C ALA A 361 29.89 -6.36 -12.96
N VAL A 362 31.15 -5.98 -12.75
CA VAL A 362 31.60 -5.52 -11.45
C VAL A 362 30.98 -4.16 -11.13
N PHE A 363 30.82 -3.34 -12.16
CA PHE A 363 30.30 -1.99 -12.03
C PHE A 363 28.82 -1.89 -12.37
N MET A 364 28.31 -2.83 -13.19
CA MET A 364 26.87 -2.88 -13.50
C MET A 364 26.37 -4.30 -13.33
N PRO A 365 25.98 -4.64 -12.11
CA PRO A 365 25.66 -6.05 -11.86
C PRO A 365 24.28 -6.48 -12.35
N HIS A 366 23.40 -5.53 -12.62
CA HIS A 366 22.03 -5.83 -13.03
C HIS A 366 21.88 -5.76 -14.54
N GLY A 367 20.74 -6.22 -15.05
CA GLY A 367 20.46 -6.11 -16.47
C GLY A 367 20.28 -4.67 -16.94
N LEU A 368 20.60 -4.44 -18.22
CA LEU A 368 20.50 -3.11 -18.79
C LEU A 368 19.08 -2.53 -18.72
N GLY A 369 18.09 -3.39 -18.86
CA GLY A 369 16.71 -2.94 -18.88
C GLY A 369 15.74 -4.07 -19.17
N HIS A 370 14.46 -3.75 -19.01
CA HIS A 370 13.40 -4.75 -18.99
C HIS A 370 12.14 -4.26 -19.67
N PHE A 371 11.30 -5.20 -20.09
CA PHE A 371 9.98 -4.86 -20.56
C PHE A 371 9.23 -4.12 -19.45
N LEU A 372 8.39 -3.18 -19.87
CA LEU A 372 7.51 -2.43 -18.97
C LEU A 372 6.12 -2.31 -19.58
N GLY A 373 5.08 -2.38 -18.75
CA GLY A 373 3.73 -2.28 -19.26
C GLY A 373 2.79 -2.16 -18.09
N ILE A 374 1.89 -3.12 -17.94
CA ILE A 374 1.00 -3.15 -16.78
C ILE A 374 1.79 -3.51 -15.51
N ASP A 375 2.87 -4.26 -15.67
CA ASP A 375 3.79 -4.50 -14.56
C ASP A 375 5.08 -3.73 -14.82
N VAL A 376 5.73 -3.23 -13.77
CA VAL A 376 7.03 -2.59 -13.91
C VAL A 376 8.01 -3.52 -14.60
N HIS A 377 8.08 -4.76 -14.11
CA HIS A 377 8.88 -5.78 -14.78
C HIS A 377 7.89 -6.61 -15.55
N ASP A 378 7.67 -6.25 -16.80
CA ASP A 378 6.53 -6.75 -17.53
C ASP A 378 6.84 -8.15 -18.06
N VAL A 379 5.77 -8.86 -18.38
CA VAL A 379 5.84 -10.25 -18.77
C VAL A 379 6.46 -10.46 -20.17
N GLY A 380 6.88 -11.69 -20.43
CA GLY A 380 7.27 -12.08 -21.78
C GLY A 380 8.73 -11.95 -22.17
N GLY A 381 9.60 -11.74 -21.18
CA GLY A 381 11.01 -11.57 -21.41
C GLY A 381 11.73 -12.84 -21.85
N TYR A 382 11.21 -13.99 -21.41
CA TYR A 382 11.82 -15.27 -21.72
C TYR A 382 10.76 -16.31 -22.08
N PRO A 383 10.11 -16.13 -23.24
CA PRO A 383 9.22 -17.18 -23.75
C PRO A 383 9.99 -18.42 -24.13
N GLU A 384 9.30 -19.53 -24.36
CA GLU A 384 9.97 -20.75 -24.76
C GLU A 384 10.85 -20.47 -25.98
N GLY A 385 12.10 -20.94 -25.95
CA GLY A 385 13.02 -20.77 -27.05
C GLY A 385 13.99 -19.63 -26.85
N VAL A 386 13.76 -18.83 -25.81
CA VAL A 386 14.63 -17.70 -25.49
C VAL A 386 15.30 -18.00 -24.16
N GLU A 387 16.63 -18.16 -24.19
CA GLU A 387 17.38 -18.61 -23.02
C GLU A 387 18.12 -17.49 -22.33
N ARG A 388 18.22 -17.60 -21.01
CA ARG A 388 18.98 -16.70 -20.17
C ARG A 388 20.46 -16.99 -20.38
N ILE A 389 21.26 -15.94 -20.51
CA ILE A 389 22.69 -16.09 -20.73
C ILE A 389 23.44 -16.17 -19.40
N ASP A 390 24.11 -17.28 -19.18
CA ASP A 390 24.79 -17.53 -17.91
C ASP A 390 26.17 -16.85 -17.87
N GLU A 391 26.19 -15.52 -17.86
CA GLU A 391 27.40 -14.77 -17.60
C GLU A 391 27.09 -13.64 -16.63
N PRO A 392 28.11 -13.13 -15.93
CA PRO A 392 27.92 -11.98 -15.06
C PRO A 392 27.27 -10.82 -15.84
N GLY A 393 26.33 -10.15 -15.20
CA GLY A 393 25.59 -9.07 -15.85
C GLY A 393 24.43 -9.58 -16.67
N LEU A 394 24.76 -10.27 -17.76
CA LEU A 394 23.75 -10.79 -18.67
C LEU A 394 22.75 -11.76 -18.01
N ARG A 395 23.19 -12.53 -17.00
CA ARG A 395 22.26 -13.47 -16.36
C ARG A 395 21.16 -12.74 -15.59
N SER A 396 21.37 -11.45 -15.30
CA SER A 396 20.38 -10.65 -14.60
C SER A 396 19.44 -9.90 -15.55
N LEU A 397 19.71 -9.99 -16.86
CA LEU A 397 18.81 -9.42 -17.86
C LEU A 397 17.44 -10.06 -17.79
N ARG A 398 16.39 -9.24 -17.85
CA ARG A 398 15.03 -9.76 -17.70
C ARG A 398 14.41 -10.13 -19.04
N THR A 399 15.16 -9.92 -20.12
CA THR A 399 14.85 -10.50 -21.43
C THR A 399 16.13 -10.64 -22.27
N ALA A 400 16.18 -11.69 -23.09
CA ALA A 400 17.24 -11.84 -24.09
C ALA A 400 16.63 -11.89 -25.49
N ARG A 401 15.50 -11.22 -25.65
CA ARG A 401 14.85 -11.17 -26.95
C ARG A 401 15.49 -10.15 -27.88
N HIS A 402 15.19 -10.28 -29.18
CA HIS A 402 15.46 -9.25 -30.16
C HIS A 402 14.32 -8.24 -30.14
N LEU A 403 14.63 -6.97 -30.41
CA LEU A 403 13.63 -5.90 -30.35
C LEU A 403 12.71 -5.89 -31.55
N GLN A 404 11.46 -5.53 -31.29
CA GLN A 404 10.43 -5.41 -32.33
C GLN A 404 9.55 -4.21 -32.03
N PRO A 405 8.97 -3.60 -33.07
CA PRO A 405 8.09 -2.44 -32.83
C PRO A 405 6.94 -2.76 -31.88
N GLY A 406 6.63 -1.83 -30.96
CA GLY A 406 5.54 -2.03 -30.02
C GLY A 406 6.03 -2.41 -28.64
N MET A 407 7.24 -2.95 -28.56
CA MET A 407 7.83 -3.27 -27.27
C MET A 407 8.18 -2.01 -26.49
N VAL A 408 7.96 -2.07 -25.18
CA VAL A 408 8.31 -0.98 -24.29
C VAL A 408 9.39 -1.44 -23.32
N LEU A 409 10.47 -0.71 -23.25
CA LEU A 409 11.60 -1.12 -22.42
C LEU A 409 12.12 0.03 -21.60
N THR A 410 12.72 -0.31 -20.48
CA THR A 410 13.56 0.61 -19.77
C THR A 410 14.99 0.48 -20.27
N VAL A 411 15.67 1.62 -20.28
CA VAL A 411 17.09 1.69 -20.60
C VAL A 411 17.72 2.26 -19.34
N GLU A 412 18.36 1.40 -18.55
CA GLU A 412 18.85 1.86 -17.26
C GLU A 412 20.25 1.38 -16.90
N PRO A 413 21.25 1.79 -17.70
CA PRO A 413 22.63 1.54 -17.30
C PRO A 413 22.96 2.26 -16.01
N GLY A 414 23.95 1.75 -15.28
CA GLY A 414 24.44 2.41 -14.10
C GLY A 414 25.86 2.00 -13.81
N ILE A 415 26.55 2.82 -13.01
CA ILE A 415 27.87 2.46 -12.49
C ILE A 415 27.82 2.56 -10.98
N TYR A 416 28.23 1.47 -10.33
CA TYR A 416 28.16 1.31 -8.89
C TYR A 416 29.55 0.96 -8.39
N PHE A 417 29.84 1.38 -7.17
CA PHE A 417 31.06 1.02 -6.48
C PHE A 417 30.68 0.22 -5.24
N ILE A 418 30.61 -1.09 -5.44
CA ILE A 418 30.09 -2.03 -4.45
C ILE A 418 31.26 -2.82 -3.90
N ASP A 419 31.55 -2.61 -2.62
CA ASP A 419 32.77 -3.17 -2.04
C ASP A 419 32.95 -4.67 -2.29
N HIS A 420 31.89 -5.46 -2.16
CA HIS A 420 32.11 -6.89 -2.23
C HIS A 420 32.32 -7.35 -3.69
N LEU A 421 31.76 -6.64 -4.66
CA LEU A 421 32.10 -6.92 -6.06
C LEU A 421 33.51 -6.49 -6.40
N LEU A 422 33.92 -5.32 -5.90
CA LEU A 422 35.25 -4.82 -6.14
C LEU A 422 36.28 -5.74 -5.47
N ASP A 423 35.98 -6.14 -4.24
CA ASP A 423 36.89 -7.02 -3.51
C ASP A 423 37.11 -8.34 -4.22
N GLU A 424 36.05 -8.88 -4.80
CA GLU A 424 36.08 -10.17 -5.51
C GLU A 424 36.92 -10.00 -6.76
N ALA A 425 36.78 -8.92 -7.48
CA ALA A 425 37.59 -8.65 -8.67
C ALA A 425 39.07 -8.47 -8.32
N LEU A 426 39.35 -7.83 -7.19
CA LEU A 426 40.73 -7.59 -6.79
C LEU A 426 41.43 -8.87 -6.34
N ALA A 427 40.65 -9.87 -5.91
CA ALA A 427 41.19 -11.17 -5.53
C ALA A 427 41.43 -12.07 -6.73
N ASP A 428 40.74 -11.79 -7.84
CA ASP A 428 40.83 -12.61 -9.05
C ASP A 428 41.89 -12.08 -10.00
N PRO A 429 42.96 -12.86 -10.25
CA PRO A 429 44.04 -12.35 -11.09
C PRO A 429 43.61 -12.02 -12.52
N ALA A 430 42.57 -12.66 -13.02
CA ALA A 430 42.12 -12.38 -14.38
C ALA A 430 41.48 -10.97 -14.50
N ARG A 431 41.05 -10.40 -13.38
CA ARG A 431 40.43 -9.07 -13.37
C ARG A 431 41.26 -8.04 -12.59
N ALA A 432 41.98 -8.49 -11.56
CA ALA A 432 42.67 -7.57 -10.66
C ALA A 432 43.68 -6.68 -11.36
N SER A 433 44.24 -7.18 -12.43
CA SER A 433 45.29 -6.51 -13.22
C SER A 433 44.72 -5.24 -13.83
N PHE A 434 43.43 -5.23 -14.17
CA PHE A 434 42.83 -4.09 -14.85
C PHE A 434 42.53 -2.92 -13.93
N LEU A 435 42.59 -3.17 -12.61
CA LEU A 435 42.12 -2.21 -11.62
C LEU A 435 43.27 -1.44 -10.97
N ASN A 436 43.13 -0.13 -10.90
CA ASN A 436 44.13 0.73 -10.27
C ASN A 436 43.69 1.09 -8.86
N ARG A 437 44.18 0.31 -7.90
CA ARG A 437 43.68 0.37 -6.52
C ARG A 437 43.78 1.75 -5.91
N GLU A 438 44.82 2.50 -6.29
CA GLU A 438 45.07 3.81 -5.70
C GLU A 438 44.02 4.80 -6.17
N VAL A 439 43.55 4.61 -7.40
CA VAL A 439 42.49 5.47 -7.94
C VAL A 439 41.13 4.99 -7.44
N LEU A 440 40.90 3.68 -7.48
CA LEU A 440 39.65 3.10 -7.03
C LEU A 440 39.34 3.49 -5.58
N GLN A 441 40.38 3.58 -4.75
CA GLN A 441 40.20 3.87 -3.33
C GLN A 441 39.40 5.15 -3.11
N ARG A 442 39.64 6.10 -4.00
CA ARG A 442 38.95 7.38 -3.99
C ARG A 442 37.45 7.27 -4.25
N PHE A 443 37.07 6.20 -4.93
CA PHE A 443 35.69 6.00 -5.35
C PHE A 443 34.96 5.04 -4.45
N ARG A 444 35.65 4.50 -3.44
CA ARG A 444 34.98 3.71 -2.42
C ARG A 444 33.99 4.62 -1.71
N GLY A 445 32.74 4.18 -1.60
CA GLY A 445 31.69 5.00 -1.02
C GLY A 445 31.26 6.17 -1.92
N PHE A 446 31.69 6.15 -3.17
CA PHE A 446 31.21 7.14 -4.14
C PHE A 446 29.71 7.11 -4.23
N GLY A 447 29.17 5.91 -4.08
CA GLY A 447 27.74 5.68 -4.23
C GLY A 447 27.50 5.08 -5.60
N ARG A 448 26.55 5.66 -6.31
CA ARG A 448 26.12 5.07 -7.55
C ARG A 448 25.31 6.00 -8.40
N VAL A 449 25.41 5.78 -9.70
CA VAL A 449 24.69 6.52 -10.70
C VAL A 449 23.91 5.53 -11.55
N ARG A 450 22.62 5.78 -11.70
CA ARG A 450 21.80 5.08 -12.67
C ARG A 450 20.94 6.12 -13.39
N ILE A 451 20.82 5.96 -14.71
CA ILE A 451 19.96 6.82 -15.51
C ILE A 451 18.95 5.90 -16.18
N GLU A 452 17.67 6.00 -15.80
CA GLU A 452 16.64 5.14 -16.37
C GLU A 452 15.60 5.91 -17.13
N GLU A 453 15.53 5.59 -18.43
CA GLU A 453 14.54 6.10 -19.36
C GLU A 453 13.57 4.99 -19.72
N ASP A 454 12.32 5.35 -19.99
CA ASP A 454 11.38 4.42 -20.65
C ASP A 454 11.23 4.75 -22.14
N VAL A 455 11.36 3.74 -22.99
CA VAL A 455 11.25 3.97 -24.43
C VAL A 455 10.35 2.93 -25.08
N VAL A 456 9.87 3.26 -26.27
CA VAL A 456 9.11 2.36 -27.14
C VAL A 456 9.90 2.12 -28.43
N VAL A 457 9.91 0.87 -28.90
CA VAL A 457 10.56 0.56 -30.16
C VAL A 457 9.62 0.90 -31.30
N THR A 458 10.14 1.62 -32.29
CA THR A 458 9.37 2.04 -33.46
C THR A 458 9.85 1.26 -34.68
N ASP A 459 9.34 1.58 -35.85
CA ASP A 459 9.78 0.85 -37.02
C ASP A 459 11.25 1.10 -37.34
N SER A 460 11.78 2.23 -36.90
CA SER A 460 13.10 2.70 -37.34
C SER A 460 14.08 2.92 -36.20
N GLY A 461 13.56 3.00 -34.99
CA GLY A 461 14.39 3.30 -33.83
C GLY A 461 13.55 3.20 -32.58
N ILE A 462 13.57 4.26 -31.78
CA ILE A 462 12.75 4.34 -30.57
C ILE A 462 12.05 5.70 -30.44
N GLU A 463 11.03 5.73 -29.59
CA GLU A 463 10.46 6.96 -29.08
C GLU A 463 10.75 7.02 -27.58
N LEU A 464 11.28 8.15 -27.12
CA LEU A 464 11.56 8.32 -25.69
C LEU A 464 10.31 8.81 -24.97
N LEU A 465 9.87 8.11 -23.91
CA LEU A 465 8.68 8.54 -23.17
C LEU A 465 9.01 9.48 -22.03
N THR A 466 10.19 9.29 -21.47
CA THR A 466 10.65 10.01 -20.29
C THR A 466 11.13 11.40 -20.66
N CYS A 467 10.86 12.38 -19.80
CA CYS A 467 11.34 13.74 -20.07
C CYS A 467 11.76 14.47 -18.80
N VAL A 468 12.99 14.19 -18.38
CA VAL A 468 13.59 14.80 -17.21
C VAL A 468 14.93 15.45 -17.60
N PRO A 469 15.43 16.37 -16.75
CA PRO A 469 16.78 16.93 -16.97
C PRO A 469 17.82 15.83 -16.99
N ARG A 470 18.74 15.84 -17.96
CA ARG A 470 19.73 14.76 -18.05
C ARG A 470 21.18 15.21 -18.14
N THR A 471 21.47 16.29 -18.86
CA THR A 471 22.87 16.73 -18.94
C THR A 471 23.28 17.35 -17.62
N VAL A 472 24.59 17.42 -17.38
CA VAL A 472 25.11 18.07 -16.19
C VAL A 472 24.58 19.50 -16.12
N GLU A 473 24.59 20.20 -17.22
CA GLU A 473 24.16 21.61 -17.30
C GLU A 473 22.67 21.72 -16.98
N GLU A 474 21.82 20.81 -17.46
CA GLU A 474 20.38 20.83 -17.22
C GLU A 474 20.07 20.57 -15.76
N ILE A 475 20.76 19.61 -15.19
CA ILE A 475 20.50 19.20 -13.80
C ILE A 475 20.91 20.32 -12.85
N GLU A 476 22.09 20.88 -13.05
CA GLU A 476 22.59 21.91 -12.15
C GLU A 476 21.69 23.15 -12.22
N ALA A 477 21.23 23.49 -13.42
CA ALA A 477 20.35 24.65 -13.58
C ALA A 477 19.00 24.36 -12.92
N CYS A 478 18.52 23.13 -13.07
CA CYS A 478 17.24 22.76 -12.44
C CYS A 478 17.32 22.85 -10.93
N MET A 479 18.37 22.29 -10.35
CA MET A 479 18.50 22.28 -8.89
C MET A 479 18.76 23.68 -8.30
N ALA A 480 19.31 24.56 -9.12
CA ALA A 480 19.65 25.91 -8.68
C ALA A 480 18.42 26.79 -8.67
N GLY A 481 17.31 26.24 -9.16
CA GLY A 481 16.04 26.95 -9.15
C GLY A 481 15.87 27.88 -10.34
N CYS A 482 16.68 27.66 -11.38
CA CYS A 482 16.61 28.47 -12.59
C CYS A 482 15.32 28.22 -13.37
N ASP A 483 14.93 29.24 -14.15
CA ASP A 483 13.90 29.19 -15.18
C ASP A 483 12.56 29.65 -14.60
N GLY B 6 18.80 3.11 26.08
CA GLY B 6 18.94 2.07 25.07
C GLY B 6 18.63 2.58 23.68
N PRO B 7 18.58 1.68 22.70
CA PRO B 7 18.29 2.09 21.33
C PRO B 7 16.86 2.56 21.16
N SER B 8 16.61 3.36 20.14
CA SER B 8 15.23 3.79 19.86
C SER B 8 15.01 3.84 18.36
N PHE B 9 13.78 3.60 17.93
CA PHE B 9 13.35 3.74 16.55
C PHE B 9 13.13 5.24 16.31
N TRP B 10 13.59 5.77 15.18
CA TRP B 10 13.49 7.20 14.90
C TRP B 10 13.66 7.45 13.42
N LEU B 11 12.85 8.34 12.87
CA LEU B 11 12.99 8.73 11.45
C LEU B 11 13.49 10.16 11.28
N GLY B 12 14.18 10.65 12.32
CA GLY B 12 14.89 11.92 12.25
C GLY B 12 13.97 13.13 12.27
N ASN B 13 14.52 14.28 11.91
CA ASN B 13 13.77 15.54 11.90
C ASN B 13 12.97 15.69 13.20
N GLU B 14 11.65 15.84 13.09
CA GLU B 14 10.82 16.11 14.27
C GLU B 14 10.07 14.85 14.70
N THR B 15 10.41 13.71 14.11
CA THR B 15 9.66 12.49 14.39
C THR B 15 10.00 11.99 15.79
N LEU B 16 9.13 11.15 16.32
CA LEU B 16 9.27 10.62 17.67
C LEU B 16 10.32 9.53 17.81
N LYS B 17 11.16 9.65 18.82
CA LYS B 17 12.08 8.58 19.19
C LYS B 17 11.34 7.57 20.07
N VAL B 18 11.26 6.32 19.61
CA VAL B 18 10.53 5.29 20.33
C VAL B 18 11.53 4.31 20.90
N PRO B 19 11.66 4.27 22.23
CA PRO B 19 12.66 3.34 22.78
C PRO B 19 12.28 1.88 22.55
N LEU B 20 13.26 1.05 22.21
CA LEU B 20 12.99 -0.37 22.04
C LEU B 20 12.62 -1.02 23.39
N ALA B 21 12.92 -0.33 24.48
CA ALA B 21 12.44 -0.69 25.81
C ALA B 21 10.92 -0.85 25.86
N LEU B 22 10.21 -0.18 24.95
CA LEU B 22 8.75 -0.27 24.90
C LEU B 22 8.36 -1.74 24.72
N PHE B 23 9.06 -2.40 23.82
CA PHE B 23 8.73 -3.78 23.46
C PHE B 23 9.25 -4.74 24.52
N ALA B 24 10.38 -4.39 25.13
CA ALA B 24 10.91 -5.18 26.23
C ALA B 24 9.90 -5.18 27.40
N LEU B 25 9.26 -4.03 27.64
CA LEU B 25 8.24 -3.96 28.69
C LEU B 25 7.02 -4.80 28.34
N ASN B 26 6.60 -4.77 27.07
CA ASN B 26 5.53 -5.66 26.63
C ASN B 26 5.86 -7.15 26.83
N ARG B 27 7.08 -7.55 26.48
CA ARG B 27 7.49 -8.93 26.70
C ARG B 27 7.46 -9.26 28.20
N GLN B 28 7.89 -8.31 29.01
CA GLN B 28 7.89 -8.51 30.45
C GLN B 28 6.46 -8.69 30.95
N ARG B 29 5.55 -7.82 30.51
CA ARG B 29 4.15 -7.89 30.95
C ARG B 29 3.52 -9.20 30.53
N LEU B 30 3.84 -9.66 29.32
CA LEU B 30 3.27 -10.91 28.83
C LEU B 30 3.78 -12.07 29.69
N CYS B 31 5.09 -12.11 29.94
CA CYS B 31 5.63 -13.16 30.80
C CYS B 31 5.00 -13.12 32.19
N GLU B 32 4.83 -11.92 32.74
CA GLU B 32 4.27 -11.82 34.11
C GLU B 32 2.86 -12.37 34.13
N ARG B 33 2.10 -12.08 33.09
CA ARG B 33 0.76 -12.62 32.99
C ARG B 33 0.80 -14.14 32.86
N LEU B 34 1.66 -14.65 31.97
CA LEU B 34 1.74 -16.09 31.76
C LEU B 34 2.24 -16.85 33.00
N ARG B 35 3.12 -16.23 33.78
CA ARG B 35 3.58 -16.87 35.01
C ARG B 35 2.46 -17.07 36.04
N LYS B 36 1.50 -16.15 36.04
CA LYS B 36 0.37 -16.17 36.98
C LYS B 36 -0.75 -17.05 36.43
N ASN B 37 -0.66 -17.48 35.19
CA ASN B 37 -1.62 -18.36 34.57
C ASN B 37 -1.35 -19.79 35.04
N PRO B 38 -2.31 -20.39 35.78
CA PRO B 38 -2.06 -21.71 36.38
C PRO B 38 -1.80 -22.82 35.38
N ALA B 39 -2.24 -22.65 34.13
CA ALA B 39 -2.14 -23.70 33.12
C ALA B 39 -0.81 -23.65 32.36
N VAL B 40 -0.01 -22.63 32.61
CA VAL B 40 1.30 -22.53 31.95
C VAL B 40 2.36 -23.39 32.63
N GLN B 41 2.94 -24.31 31.89
CA GLN B 41 3.97 -25.19 32.41
C GLN B 41 5.26 -24.43 32.58
N ALA B 42 6.07 -24.87 33.51
CA ALA B 42 7.41 -24.38 33.65
C ALA B 42 8.18 -24.73 32.38
N GLY B 43 9.07 -23.83 31.97
CA GLY B 43 9.89 -24.07 30.80
C GLY B 43 9.18 -23.83 29.48
N SER B 44 8.02 -23.18 29.54
CA SER B 44 7.28 -22.81 28.32
C SER B 44 7.97 -21.67 27.61
N ILE B 45 7.86 -21.71 26.29
CA ILE B 45 8.43 -20.72 25.41
C ILE B 45 7.35 -20.19 24.47
N VAL B 46 7.24 -18.87 24.40
CA VAL B 46 6.36 -18.22 23.43
C VAL B 46 7.05 -18.22 22.07
N VAL B 47 6.33 -18.65 21.03
CA VAL B 47 6.86 -18.65 19.67
C VAL B 47 5.95 -17.83 18.76
N LEU B 48 6.48 -16.73 18.25
CA LEU B 48 5.75 -15.88 17.32
C LEU B 48 6.46 -15.85 15.97
N GLN B 49 5.67 -15.82 14.91
CA GLN B 49 6.20 -15.73 13.56
C GLN B 49 5.89 -14.36 12.98
N GLY B 50 6.92 -13.66 12.49
CA GLY B 50 6.71 -12.34 11.90
C GLY B 50 6.14 -12.46 10.50
N GLY B 51 5.71 -11.35 9.92
CA GLY B 51 5.26 -11.39 8.55
C GLY B 51 6.40 -11.58 7.57
N GLU B 52 6.03 -12.03 6.38
CA GLU B 52 6.93 -12.16 5.25
C GLU B 52 6.56 -11.15 4.19
N GLU B 53 7.53 -10.81 3.34
CA GLU B 53 7.28 -9.95 2.20
C GLU B 53 6.35 -10.65 1.22
N THR B 54 5.43 -9.89 0.65
CA THR B 54 4.50 -10.42 -0.35
C THR B 54 4.65 -9.64 -1.67
N GLN B 55 4.21 -10.25 -2.76
CA GLN B 55 4.21 -9.60 -4.07
C GLN B 55 2.78 -9.55 -4.63
N ARG B 56 2.54 -8.65 -5.58
CA ARG B 56 1.27 -8.59 -6.28
C ARG B 56 1.08 -9.86 -7.11
N TYR B 57 0.18 -10.73 -6.67
CA TYR B 57 -0.17 -11.93 -7.41
C TYR B 57 1.09 -12.75 -7.80
N CYS B 58 1.29 -13.02 -9.09
CA CYS B 58 2.43 -13.81 -9.55
C CYS B 58 3.62 -12.94 -10.01
N THR B 59 3.53 -11.63 -9.82
CA THR B 59 4.55 -10.70 -10.31
C THR B 59 5.67 -10.56 -9.27
N ASP B 60 6.72 -9.80 -9.60
CA ASP B 60 7.77 -9.52 -8.63
C ASP B 60 7.58 -8.12 -8.06
N THR B 61 6.41 -7.54 -8.27
CA THR B 61 6.09 -6.23 -7.71
C THR B 61 5.81 -6.40 -6.23
N GLY B 62 6.58 -5.70 -5.40
CA GLY B 62 6.45 -5.85 -3.97
C GLY B 62 5.30 -5.06 -3.42
N VAL B 63 4.63 -5.63 -2.42
CA VAL B 63 3.64 -4.92 -1.63
C VAL B 63 4.39 -4.38 -0.43
N LEU B 64 4.13 -3.13 -0.05
CA LEU B 64 4.84 -2.51 1.04
C LEU B 64 4.69 -3.34 2.31
N PHE B 65 5.80 -3.74 2.91
CA PHE B 65 5.74 -4.64 4.06
C PHE B 65 5.35 -3.87 5.32
N ARG B 66 4.42 -4.46 6.06
CA ARG B 66 3.98 -3.92 7.34
C ARG B 66 3.93 -5.10 8.32
N GLN B 67 4.63 -4.97 9.43
CA GLN B 67 4.80 -6.09 10.36
C GLN B 67 3.46 -6.57 10.91
N GLU B 68 3.38 -7.86 11.19
CA GLU B 68 2.20 -8.44 11.82
C GLU B 68 2.09 -7.87 13.24
N SER B 69 0.88 -7.52 13.66
CA SER B 69 0.69 -6.69 14.85
C SER B 69 1.10 -7.33 16.19
N PHE B 70 0.79 -8.60 16.41
CA PHE B 70 1.20 -9.24 17.66
C PHE B 70 2.73 -9.32 17.73
N PHE B 71 3.36 -9.70 16.61
CA PHE B 71 4.84 -9.78 16.54
C PHE B 71 5.46 -8.39 16.75
N HIS B 72 4.89 -7.36 16.12
CA HIS B 72 5.35 -6.01 16.38
C HIS B 72 5.25 -5.63 17.86
N TRP B 73 4.11 -5.94 18.45
CA TRP B 73 3.84 -5.58 19.83
C TRP B 73 4.93 -6.15 20.73
N ALA B 74 5.31 -7.39 20.46
CA ALA B 74 6.31 -8.06 21.30
C ALA B 74 7.77 -7.66 20.99
N PHE B 75 8.07 -7.26 19.75
CA PHE B 75 9.48 -7.13 19.33
C PHE B 75 9.87 -5.84 18.59
N GLY B 76 8.91 -5.20 17.94
CA GLY B 76 9.17 -3.95 17.24
C GLY B 76 10.03 -4.12 15.99
N VAL B 77 10.09 -5.34 15.47
CA VAL B 77 10.97 -5.66 14.35
C VAL B 77 10.32 -5.28 13.03
N THR B 78 11.06 -4.52 12.23
CA THR B 78 10.53 -4.06 10.95
C THR B 78 10.89 -5.01 9.79
N GLU B 79 11.89 -5.87 9.98
CA GLU B 79 12.32 -6.76 8.90
C GLU B 79 11.34 -7.92 8.66
N PRO B 80 11.11 -8.27 7.39
CA PRO B 80 10.31 -9.46 7.09
C PRO B 80 11.11 -10.75 7.30
N GLY B 81 10.39 -11.85 7.51
CA GLY B 81 10.99 -13.16 7.54
C GLY B 81 11.52 -13.60 8.89
N CYS B 82 11.18 -12.88 9.94
CA CYS B 82 11.71 -13.21 11.27
C CYS B 82 10.76 -14.07 12.10
N TYR B 83 11.33 -14.64 13.16
CA TYR B 83 10.59 -15.27 14.25
C TYR B 83 11.09 -14.68 15.55
N GLY B 84 10.28 -14.79 16.59
CA GLY B 84 10.68 -14.30 17.89
C GLY B 84 10.21 -15.24 18.96
N VAL B 85 11.09 -15.51 19.93
CA VAL B 85 10.76 -16.43 21.00
CA VAL B 85 10.81 -16.45 20.99
C VAL B 85 11.03 -15.78 22.36
N ILE B 86 10.19 -16.13 23.34
CA ILE B 86 10.32 -15.58 24.69
C ILE B 86 10.20 -16.71 25.68
N ASP B 87 11.23 -16.88 26.50
CA ASP B 87 11.20 -17.87 27.56
C ASP B 87 10.39 -17.31 28.71
N VAL B 88 9.31 -17.99 29.04
CA VAL B 88 8.36 -17.44 29.99
C VAL B 88 8.99 -17.27 31.36
N ASP B 89 9.77 -18.25 31.79
CA ASP B 89 10.24 -18.26 33.17
C ASP B 89 11.32 -17.21 33.41
N THR B 90 12.17 -16.94 32.42
CA THR B 90 13.24 -15.95 32.59
C THR B 90 12.98 -14.64 31.88
N GLY B 91 12.08 -14.64 30.90
CA GLY B 91 11.83 -13.47 30.08
C GLY B 91 12.82 -13.29 28.94
N LYS B 92 13.76 -14.24 28.78
CA LYS B 92 14.79 -14.14 27.77
C LYS B 92 14.19 -14.14 26.37
N SER B 93 14.62 -13.17 25.57
CA SER B 93 14.10 -13.01 24.23
C SER B 93 15.14 -13.38 23.18
N THR B 94 14.72 -14.15 22.18
CA THR B 94 15.57 -14.48 21.04
C THR B 94 14.87 -14.11 19.73
N LEU B 95 15.56 -13.29 18.93
CA LEU B 95 15.12 -12.99 17.58
C LEU B 95 15.78 -13.91 16.54
N PHE B 96 14.99 -14.50 15.65
CA PHE B 96 15.51 -15.27 14.54
C PHE B 96 15.35 -14.46 13.26
N VAL B 97 16.46 -14.23 12.58
CA VAL B 97 16.48 -13.37 11.39
C VAL B 97 16.92 -14.17 10.18
N PRO B 98 16.47 -13.79 8.97
CA PRO B 98 16.84 -14.55 7.76
C PRO B 98 18.34 -14.55 7.49
N ARG B 99 18.87 -15.69 7.06
CA ARG B 99 20.25 -15.81 6.66
C ARG B 99 20.28 -15.37 5.22
N LEU B 100 20.89 -14.23 4.95
CA LEU B 100 20.82 -13.63 3.61
C LEU B 100 22.03 -14.05 2.78
N LYS B 110 24.64 -3.90 1.97
CA LYS B 110 25.30 -4.35 3.19
C LYS B 110 24.41 -5.34 3.94
N ILE B 111 25.02 -6.39 4.46
CA ILE B 111 24.32 -7.41 5.23
C ILE B 111 24.70 -7.30 6.69
N HIS B 112 23.71 -7.14 7.55
CA HIS B 112 23.94 -6.92 8.97
C HIS B 112 24.21 -8.23 9.70
N SER B 113 25.08 -8.15 10.69
CA SER B 113 25.37 -9.30 11.54
C SER B 113 24.24 -9.55 12.54
N LYS B 114 24.23 -10.74 13.12
CA LYS B 114 23.31 -11.05 14.21
C LYS B 114 23.53 -10.05 15.33
N GLU B 115 24.79 -9.70 15.57
CA GLU B 115 25.11 -8.74 16.62
C GLU B 115 24.45 -7.40 16.36
N HIS B 116 24.42 -6.99 15.09
CA HIS B 116 23.78 -5.74 14.73
C HIS B 116 22.30 -5.74 15.10
N PHE B 117 21.62 -6.84 14.83
CA PHE B 117 20.21 -6.95 15.17
C PHE B 117 19.99 -7.04 16.67
N LYS B 118 20.88 -7.70 17.38
CA LYS B 118 20.79 -7.79 18.85
C LYS B 118 20.87 -6.39 19.47
N GLU B 119 21.74 -5.55 18.91
CA GLU B 119 21.96 -4.21 19.42
C GLU B 119 20.81 -3.29 19.07
N LYS B 120 20.36 -3.41 17.83
CA LYS B 120 19.25 -2.64 17.30
C LYS B 120 17.95 -2.85 18.09
N TYR B 121 17.69 -4.09 18.50
CA TYR B 121 16.38 -4.43 19.08
C TYR B 121 16.42 -4.71 20.58
N ALA B 122 17.64 -4.71 21.14
CA ALA B 122 17.84 -4.90 22.57
C ALA B 122 17.15 -6.17 23.04
N VAL B 123 17.38 -7.25 22.30
CA VAL B 123 16.95 -8.57 22.70
C VAL B 123 18.16 -9.32 23.28
N ASP B 124 17.91 -10.45 23.90
CA ASP B 124 18.97 -11.17 24.60
C ASP B 124 19.85 -12.01 23.69
N ASP B 125 19.29 -12.45 22.57
CA ASP B 125 20.03 -13.29 21.64
C ASP B 125 19.44 -13.16 20.23
N VAL B 126 20.28 -13.37 19.23
CA VAL B 126 19.84 -13.42 17.84
C VAL B 126 20.46 -14.64 17.18
N GLN B 127 19.66 -15.32 16.36
CA GLN B 127 20.05 -16.53 15.66
C GLN B 127 19.45 -16.46 14.27
N TYR B 128 19.93 -17.29 13.36
CA TYR B 128 19.34 -17.37 12.03
C TYR B 128 18.09 -18.26 12.00
N VAL B 129 17.14 -17.89 11.15
CA VAL B 129 15.88 -18.60 11.04
C VAL B 129 16.05 -20.10 10.76
N ASP B 130 17.00 -20.46 9.90
CA ASP B 130 17.15 -21.86 9.56
C ASP B 130 17.68 -22.69 10.72
N GLU B 131 18.10 -22.04 11.80
CA GLU B 131 18.58 -22.76 12.98
C GLU B 131 17.56 -22.90 14.08
N ILE B 132 16.30 -22.48 13.84
CA ILE B 132 15.36 -22.37 14.95
C ILE B 132 15.09 -23.73 15.62
N ALA B 133 14.93 -24.78 14.83
CA ALA B 133 14.73 -26.12 15.36
C ALA B 133 15.94 -26.59 16.21
N SER B 134 17.15 -26.34 15.73
CA SER B 134 18.33 -26.74 16.50
C SER B 134 18.42 -25.96 17.81
N VAL B 135 18.25 -24.64 17.72
CA VAL B 135 18.36 -23.78 18.90
C VAL B 135 17.31 -24.09 19.96
N LEU B 136 16.05 -24.28 19.55
CA LEU B 136 15.00 -24.61 20.50
C LEU B 136 15.20 -26.01 21.07
N THR B 137 15.65 -26.94 20.24
CA THR B 137 15.96 -28.27 20.73
C THR B 137 16.98 -28.18 21.87
N SER B 138 18.01 -27.38 21.65
CA SER B 138 19.11 -27.29 22.61
C SER B 138 18.65 -26.64 23.91
N GLN B 139 17.60 -25.83 23.83
CA GLN B 139 17.09 -25.12 25.01
C GLN B 139 16.08 -25.93 25.79
N LYS B 140 15.68 -27.08 25.24
CA LYS B 140 14.86 -28.04 25.97
C LYS B 140 13.62 -27.44 26.62
N PRO B 141 12.78 -26.78 25.82
CA PRO B 141 11.53 -26.29 26.41
C PRO B 141 10.50 -27.39 26.62
N SER B 142 9.64 -27.21 27.62
CA SER B 142 8.53 -28.12 27.84
C SER B 142 7.51 -28.05 26.71
N VAL B 143 7.09 -26.83 26.40
CA VAL B 143 5.98 -26.65 25.47
C VAL B 143 6.17 -25.33 24.75
N LEU B 144 5.81 -25.30 23.48
CA LEU B 144 5.86 -24.06 22.71
C LEU B 144 4.46 -23.47 22.72
N LEU B 145 4.37 -22.22 23.16
CA LEU B 145 3.10 -21.49 23.18
C LEU B 145 2.94 -20.67 21.93
N THR B 146 2.02 -21.07 21.05
CA THR B 146 1.81 -20.37 19.79
C THR B 146 0.49 -19.64 19.79
N LEU B 147 0.32 -18.81 18.77
CA LEU B 147 -0.79 -17.85 18.67
C LEU B 147 -1.87 -18.38 17.74
N ARG B 148 -3.06 -18.62 18.29
CA ARG B 148 -4.22 -18.98 17.48
C ARG B 148 -5.47 -18.49 18.18
N GLY B 149 -6.31 -17.79 17.42
CA GLY B 149 -7.56 -17.27 17.95
C GLY B 149 -8.31 -16.52 16.88
N VAL B 150 -9.47 -16.00 17.24
CA VAL B 150 -10.34 -15.34 16.28
C VAL B 150 -10.40 -13.84 16.52
N ASN B 151 -10.10 -13.08 15.47
CA ASN B 151 -10.29 -11.64 15.46
C ASN B 151 -11.78 -11.39 15.32
N THR B 152 -12.34 -10.56 16.20
CA THR B 152 -13.79 -10.44 16.28
C THR B 152 -14.33 -9.31 15.39
N ASP B 153 -13.42 -8.65 14.68
CA ASP B 153 -13.78 -7.68 13.65
C ASP B 153 -13.72 -8.28 12.24
N SER B 154 -12.70 -9.09 11.97
CA SER B 154 -12.55 -9.71 10.65
C SER B 154 -13.17 -11.09 10.58
N GLY B 155 -13.22 -11.78 11.72
CA GLY B 155 -13.68 -13.16 11.74
C GLY B 155 -12.55 -14.12 11.38
N SER B 156 -11.37 -13.57 11.08
CA SER B 156 -10.24 -14.38 10.66
C SER B 156 -9.57 -15.04 11.86
N VAL B 157 -8.87 -16.14 11.57
CA VAL B 157 -8.12 -16.88 12.57
C VAL B 157 -6.65 -16.48 12.48
N CYS B 158 -6.07 -16.05 13.61
CA CYS B 158 -4.65 -15.69 13.67
C CYS B 158 -3.79 -16.88 13.26
N ARG B 159 -2.79 -16.60 12.42
CA ARG B 159 -1.85 -17.61 11.93
C ARG B 159 -0.87 -18.03 13.02
N GLU B 160 -0.91 -19.30 13.37
CA GLU B 160 0.02 -19.92 14.31
C GLU B 160 1.42 -20.09 13.71
N ALA B 161 2.46 -19.80 14.49
CA ALA B 161 3.83 -19.96 14.00
C ALA B 161 4.09 -21.41 13.62
N SER B 162 4.84 -21.59 12.54
CA SER B 162 5.29 -22.91 12.16
C SER B 162 6.71 -22.84 11.57
N PHE B 163 7.49 -23.90 11.77
CA PHE B 163 8.82 -23.99 11.19
C PHE B 163 9.11 -25.46 10.94
N ASP B 164 10.01 -25.73 10.01
CA ASP B 164 10.39 -27.11 9.74
C ASP B 164 10.94 -27.75 11.00
N GLY B 165 10.21 -28.74 11.51
CA GLY B 165 10.64 -29.49 12.67
C GLY B 165 9.81 -29.23 13.91
N ILE B 166 8.84 -28.33 13.81
CA ILE B 166 8.03 -27.97 14.96
C ILE B 166 7.22 -29.19 15.45
N SER B 167 6.95 -30.13 14.55
CA SER B 167 6.24 -31.37 14.91
C SER B 167 6.96 -32.18 16.01
N LYS B 168 8.27 -31.97 16.19
CA LYS B 168 9.03 -32.69 17.21
C LYS B 168 8.84 -32.10 18.60
N PHE B 169 8.12 -30.97 18.68
CA PHE B 169 7.84 -30.30 19.96
C PHE B 169 6.41 -30.48 20.40
N GLU B 170 6.18 -30.34 21.70
CA GLU B 170 4.81 -30.19 22.20
C GLU B 170 4.36 -28.75 21.98
N VAL B 171 3.22 -28.56 21.32
CA VAL B 171 2.73 -27.23 21.00
C VAL B 171 1.35 -26.99 21.59
N ASN B 172 1.20 -25.89 22.32
CA ASN B 172 -0.09 -25.47 22.82
C ASN B 172 -0.49 -24.19 22.10
N ASN B 173 -1.64 -24.19 21.42
CA ASN B 173 -2.08 -23.02 20.67
C ASN B 173 -3.34 -22.36 21.25
N THR B 174 -3.67 -22.66 22.51
CA THR B 174 -4.87 -22.08 23.14
C THR B 174 -4.60 -21.05 24.25
N ILE B 175 -3.53 -21.22 25.00
CA ILE B 175 -3.24 -20.32 26.13
C ILE B 175 -2.92 -18.88 25.72
N LEU B 176 -2.10 -18.71 24.69
CA LEU B 176 -1.44 -17.43 24.45
C LEU B 176 -2.38 -16.32 23.97
N HIS B 177 -3.23 -16.65 22.99
CA HIS B 177 -4.00 -15.61 22.30
C HIS B 177 -4.81 -14.75 23.27
N PRO B 178 -5.61 -15.38 24.15
CA PRO B 178 -6.34 -14.45 25.01
C PRO B 178 -5.44 -13.61 25.94
N GLU B 179 -4.29 -14.13 26.33
CA GLU B 179 -3.41 -13.42 27.24
C GLU B 179 -2.70 -12.24 26.56
N ILE B 180 -2.14 -12.48 25.38
CA ILE B 180 -1.45 -11.41 24.67
C ILE B 180 -2.46 -10.35 24.15
N VAL B 181 -3.67 -10.77 23.78
CA VAL B 181 -4.75 -9.82 23.48
C VAL B 181 -5.01 -8.88 24.66
N GLU B 182 -5.18 -9.48 25.84
CA GLU B 182 -5.50 -8.68 27.01
C GLU B 182 -4.33 -7.72 27.33
N CYS B 183 -3.08 -8.16 27.14
CA CYS B 183 -1.96 -7.23 27.30
C CYS B 183 -2.08 -6.05 26.31
N ARG B 184 -2.47 -6.32 25.07
CA ARG B 184 -2.59 -5.26 24.08
C ARG B 184 -3.74 -4.28 24.37
N VAL B 185 -4.76 -4.76 25.05
CA VAL B 185 -5.91 -3.94 25.41
C VAL B 185 -5.53 -2.79 26.33
N PHE B 186 -4.55 -3.03 27.19
CA PHE B 186 -4.11 -2.03 28.15
C PHE B 186 -2.77 -1.44 27.74
N LYS B 187 -2.80 -0.17 27.35
CA LYS B 187 -1.61 0.49 26.84
C LYS B 187 -0.68 0.96 27.97
N THR B 188 0.61 0.78 27.76
CA THR B 188 1.61 1.26 28.68
C THR B 188 1.82 2.76 28.46
N ASP B 189 2.49 3.41 29.40
CA ASP B 189 2.80 4.82 29.21
C ASP B 189 3.67 5.04 27.99
N MET B 190 4.55 4.10 27.68
CA MET B 190 5.39 4.25 26.50
C MET B 190 4.57 4.13 25.23
N GLU B 191 3.61 3.22 25.22
CA GLU B 191 2.71 3.11 24.07
C GLU B 191 1.88 4.38 23.91
N LEU B 192 1.45 4.95 25.03
CA LEU B 192 0.65 6.17 24.93
C LEU B 192 1.45 7.31 24.31
N GLU B 193 2.75 7.40 24.60
CA GLU B 193 3.55 8.44 23.97
C GLU B 193 3.52 8.32 22.44
N VAL B 194 3.52 7.10 21.91
CA VAL B 194 3.48 6.96 20.46
C VAL B 194 2.08 7.36 19.93
N LEU B 195 1.04 6.97 20.64
CA LEU B 195 -0.32 7.24 20.21
C LEU B 195 -0.66 8.75 20.29
N ARG B 196 -0.06 9.44 21.27
CA ARG B 196 -0.12 10.89 21.32
C ARG B 196 0.51 11.51 20.09
N TYR B 197 1.64 10.94 19.68
CA TYR B 197 2.37 11.45 18.54
C TYR B 197 1.60 11.19 17.24
N THR B 198 1.07 9.99 17.07
CA THR B 198 0.33 9.69 15.85
C THR B 198 -0.88 10.59 15.77
N ASN B 199 -1.48 10.89 16.92
CA ASN B 199 -2.63 11.78 16.93
C ASN B 199 -2.26 13.23 16.67
N LYS B 200 -1.08 13.62 17.13
CA LYS B 200 -0.60 14.97 16.88
C LYS B 200 -0.39 15.20 15.38
N ILE B 201 0.32 14.28 14.72
CA ILE B 201 0.62 14.44 13.30
C ILE B 201 -0.68 14.36 12.51
N SER B 202 -1.52 13.39 12.84
CA SER B 202 -2.76 13.23 12.09
C SER B 202 -3.66 14.44 12.28
N SER B 203 -3.66 15.03 13.49
CA SER B 203 -4.44 16.24 13.75
C SER B 203 -3.94 17.43 12.91
N GLU B 204 -2.63 17.59 12.86
CA GLU B 204 -2.03 18.63 12.07
C GLU B 204 -2.37 18.44 10.60
N ALA B 205 -2.39 17.18 10.15
CA ALA B 205 -2.71 16.88 8.76
C ALA B 205 -4.17 17.24 8.49
N HIS B 206 -5.05 16.93 9.42
CA HIS B 206 -6.45 17.28 9.30
C HIS B 206 -6.63 18.80 9.23
N ARG B 207 -5.86 19.55 10.00
CA ARG B 207 -5.88 21.01 9.91
C ARG B 207 -5.44 21.47 8.52
N GLU B 208 -4.41 20.85 7.99
CA GLU B 208 -3.89 21.23 6.67
C GLU B 208 -4.98 21.00 5.64
N VAL B 209 -5.70 19.91 5.74
CA VAL B 209 -6.78 19.60 4.82
C VAL B 209 -7.89 20.67 4.88
N MET B 210 -8.27 21.05 6.09
CA MET B 210 -9.31 22.06 6.27
C MET B 210 -8.88 23.41 5.72
N LYS B 211 -7.59 23.70 5.81
CA LYS B 211 -7.02 24.95 5.32
C LYS B 211 -6.93 24.95 3.79
N ALA B 212 -6.73 23.77 3.21
CA ALA B 212 -6.45 23.66 1.79
C ALA B 212 -7.70 23.48 0.93
N VAL B 213 -8.75 22.95 1.51
CA VAL B 213 -9.90 22.54 0.71
C VAL B 213 -10.51 23.76 0.03
N LYS B 214 -10.80 23.59 -1.26
CA LYS B 214 -11.46 24.57 -2.09
C LYS B 214 -12.57 23.88 -2.87
N VAL B 215 -13.68 24.57 -3.03
CA VAL B 215 -14.73 24.14 -3.94
C VAL B 215 -14.12 23.90 -5.32
N GLY B 216 -14.44 22.76 -5.92
CA GLY B 216 -13.94 22.42 -7.23
C GLY B 216 -12.83 21.40 -7.21
N MET B 217 -12.27 21.15 -6.03
CA MET B 217 -11.23 20.12 -5.88
C MET B 217 -11.84 18.72 -5.87
N LYS B 218 -11.06 17.75 -6.33
CA LYS B 218 -11.43 16.35 -6.11
C LYS B 218 -11.06 15.95 -4.69
N GLU B 219 -11.89 15.10 -4.09
CA GLU B 219 -11.61 14.62 -2.75
C GLU B 219 -10.22 13.97 -2.64
N TYR B 220 -9.79 13.24 -3.66
CA TYR B 220 -8.53 12.52 -3.54
C TYR B 220 -7.35 13.50 -3.49
N GLU B 221 -7.52 14.74 -3.94
CA GLU B 221 -6.47 15.73 -3.80
C GLU B 221 -6.20 16.00 -2.33
N LEU B 222 -7.25 15.90 -1.51
CA LEU B 222 -7.12 16.18 -0.09
C LEU B 222 -6.54 14.97 0.62
N GLU B 223 -6.93 13.78 0.17
CA GLU B 223 -6.36 12.55 0.69
C GLU B 223 -4.87 12.54 0.46
N SER B 224 -4.47 12.94 -0.76
CA SER B 224 -3.05 13.00 -1.10
C SER B 224 -2.30 13.95 -0.18
N LEU B 225 -2.86 15.15 0.01
CA LEU B 225 -2.24 16.14 0.89
C LEU B 225 -2.09 15.59 2.29
N PHE B 226 -3.13 14.93 2.80
CA PHE B 226 -3.09 14.35 4.15
C PHE B 226 -1.91 13.35 4.26
N GLU B 227 -1.84 12.44 3.31
CA GLU B 227 -0.79 11.42 3.29
C GLU B 227 0.61 12.05 3.22
N HIS B 228 0.76 13.06 2.38
CA HIS B 228 2.02 13.76 2.24
C HIS B 228 2.45 14.44 3.55
N TYR B 229 1.49 15.05 4.25
CA TYR B 229 1.82 15.69 5.52
C TYR B 229 2.29 14.61 6.49
N CYS B 230 1.52 13.53 6.57
CA CYS B 230 1.83 12.51 7.56
C CYS B 230 3.18 11.87 7.29
N TYR B 231 3.47 11.61 6.01
CA TYR B 231 4.72 10.94 5.65
C TYR B 231 5.90 11.90 5.76
N SER B 232 5.82 13.07 5.12
CA SER B 232 6.98 13.94 5.04
C SER B 232 7.30 14.60 6.39
N ARG B 233 6.28 14.94 7.16
CA ARG B 233 6.51 15.61 8.46
C ARG B 233 6.43 14.66 9.63
N GLY B 234 5.78 13.52 9.49
CA GLY B 234 5.60 12.58 10.59
C GLY B 234 6.31 11.23 10.46
N GLY B 235 6.86 10.94 9.29
CA GLY B 235 7.47 9.65 9.02
C GLY B 235 6.47 8.51 8.98
N MET B 236 5.20 8.84 8.75
CA MET B 236 4.15 7.84 8.67
C MET B 236 3.99 7.34 7.25
N ARG B 237 4.72 6.27 6.96
CA ARG B 237 4.70 5.57 5.68
C ARG B 237 3.32 5.02 5.34
N HIS B 238 2.65 4.45 6.33
CA HIS B 238 1.32 3.89 6.17
C HIS B 238 0.21 4.82 6.68
N SER B 239 -0.91 4.84 5.97
CA SER B 239 -2.18 5.20 6.58
C SER B 239 -2.54 4.04 7.50
N SER B 240 -3.22 4.33 8.60
CA SER B 240 -3.61 3.26 9.53
C SER B 240 -4.64 2.34 8.87
N TYR B 241 -5.51 2.95 8.08
CA TYR B 241 -6.61 2.27 7.41
C TYR B 241 -6.89 2.95 6.09
N THR B 242 -7.75 2.35 5.28
CA THR B 242 -8.17 2.98 4.03
C THR B 242 -8.86 4.32 4.35
N CYS B 243 -8.31 5.40 3.82
CA CYS B 243 -8.74 6.74 4.19
C CYS B 243 -10.00 7.18 3.45
N ILE B 244 -11.01 7.58 4.22
CA ILE B 244 -12.35 7.86 3.70
C ILE B 244 -12.62 9.35 3.49
N CYS B 245 -12.93 9.72 2.25
CA CYS B 245 -13.07 11.11 1.86
C CYS B 245 -14.52 11.44 1.48
N ALA B 252 -13.55 6.16 -4.63
CA ALA B 252 -14.81 5.88 -3.96
C ALA B 252 -15.18 4.41 -4.14
N VAL B 253 -15.83 3.85 -3.14
CA VAL B 253 -16.38 2.51 -3.24
C VAL B 253 -17.38 2.49 -4.39
N LEU B 254 -18.11 3.59 -4.52
CA LEU B 254 -19.16 3.71 -5.52
C LEU B 254 -18.65 3.60 -6.96
N HIS B 255 -17.71 4.46 -7.32
CA HIS B 255 -17.28 4.56 -8.70
C HIS B 255 -16.27 3.49 -9.12
N TYR B 256 -15.60 2.86 -8.15
CA TYR B 256 -14.48 1.95 -8.47
C TYR B 256 -14.46 0.66 -7.64
N GLY B 257 -15.36 0.55 -6.67
CA GLY B 257 -15.63 -0.73 -6.02
C GLY B 257 -14.95 -1.02 -4.70
N HIS B 258 -13.93 -0.23 -4.34
CA HIS B 258 -13.24 -0.42 -3.07
C HIS B 258 -12.91 0.93 -2.46
N ALA B 259 -12.92 0.97 -1.12
CA ALA B 259 -12.63 2.18 -0.37
C ALA B 259 -11.28 2.75 -0.74
N GLY B 260 -10.37 1.88 -1.15
CA GLY B 260 -9.02 2.27 -1.49
C GLY B 260 -8.94 3.09 -2.76
N ALA B 261 -9.90 2.90 -3.67
CA ALA B 261 -9.91 3.64 -4.93
C ALA B 261 -9.95 5.14 -4.68
N PRO B 262 -9.46 5.93 -5.64
CA PRO B 262 -9.49 7.37 -5.43
C PRO B 262 -10.93 7.88 -5.31
N ASN B 263 -11.19 8.68 -4.30
CA ASN B 263 -12.49 9.33 -4.18
C ASN B 263 -12.48 10.50 -5.15
N ASP B 264 -13.13 10.33 -6.31
CA ASP B 264 -13.03 11.33 -7.38
C ASP B 264 -14.29 12.19 -7.52
N ARG B 265 -15.01 12.36 -6.43
CA ARG B 265 -16.13 13.28 -6.44
C ARG B 265 -15.59 14.71 -6.39
N THR B 266 -16.23 15.60 -7.14
CA THR B 266 -15.85 17.01 -7.13
C THR B 266 -16.55 17.69 -5.96
N ILE B 267 -15.78 18.41 -5.15
CA ILE B 267 -16.31 19.12 -4.00
C ILE B 267 -17.10 20.33 -4.48
N GLN B 268 -18.34 20.43 -3.99
CA GLN B 268 -19.30 21.42 -4.48
C GLN B 268 -19.67 22.44 -3.41
N ASN B 269 -19.98 23.66 -3.81
CA ASN B 269 -20.47 24.64 -2.87
C ASN B 269 -21.71 24.13 -2.14
N GLY B 270 -21.76 24.36 -0.84
CA GLY B 270 -22.86 23.90 -0.02
C GLY B 270 -22.66 22.47 0.53
N ASP B 271 -21.64 21.77 0.05
CA ASP B 271 -21.36 20.42 0.57
C ASP B 271 -20.94 20.47 2.02
N MET B 272 -21.25 19.41 2.75
CA MET B 272 -20.61 19.12 4.02
CA MET B 272 -20.61 19.11 4.03
C MET B 272 -19.55 18.04 3.74
N CYS B 273 -18.32 18.31 4.13
CA CYS B 273 -17.23 17.36 3.91
C CYS B 273 -17.08 16.50 5.15
N LEU B 274 -16.76 15.24 4.94
CA LEU B 274 -16.37 14.35 6.03
C LEU B 274 -15.08 13.70 5.59
N PHE B 275 -14.00 13.95 6.33
CA PHE B 275 -12.71 13.30 6.10
C PHE B 275 -12.30 12.44 7.30
N ASP B 276 -12.21 11.15 7.04
CA ASP B 276 -11.88 10.16 8.03
C ASP B 276 -10.54 9.57 7.60
N MET B 277 -9.48 9.99 8.29
CA MET B 277 -8.12 9.63 7.94
C MET B 277 -7.23 9.59 9.17
N GLY B 278 -6.24 8.69 9.17
CA GLY B 278 -5.32 8.61 10.28
C GLY B 278 -4.05 7.90 9.87
N GLY B 279 -2.92 8.50 10.19
CA GLY B 279 -1.62 7.92 9.86
C GLY B 279 -1.17 6.94 10.93
N GLU B 280 -0.19 6.13 10.56
CA GLU B 280 0.38 5.11 11.44
C GLU B 280 1.88 5.38 11.52
N TYR B 281 2.44 5.36 12.74
CA TYR B 281 3.86 5.52 12.96
C TYR B 281 4.40 4.27 13.66
N TYR B 282 5.37 3.60 13.06
CA TYR B 282 5.98 2.40 13.65
C TYR B 282 4.89 1.43 14.09
N CYS B 283 3.88 1.26 13.23
CA CYS B 283 2.75 0.35 13.48
C CYS B 283 1.83 0.71 14.66
N PHE B 284 1.83 1.96 15.09
CA PHE B 284 0.83 2.45 16.04
C PHE B 284 -0.14 3.33 15.26
N ALA B 285 -1.44 3.11 15.46
CA ALA B 285 -2.47 3.74 14.64
C ALA B 285 -2.96 5.10 15.16
N SER B 286 -3.67 5.81 14.30
CA SER B 286 -4.57 6.90 14.72
C SER B 286 -5.82 6.79 13.87
N ASP B 287 -6.93 7.36 14.31
CA ASP B 287 -8.17 7.28 13.54
C ASP B 287 -8.99 8.53 13.87
N ILE B 288 -8.98 9.52 12.99
CA ILE B 288 -9.63 10.81 13.26
C ILE B 288 -10.60 11.16 12.13
N THR B 289 -11.77 11.68 12.49
CA THR B 289 -12.72 12.19 11.49
C THR B 289 -13.09 13.62 11.82
N CYS B 290 -13.00 14.47 10.80
CA CYS B 290 -13.45 15.85 10.88
C CYS B 290 -14.56 16.05 9.87
N SER B 291 -15.56 16.82 10.27
CA SER B 291 -16.62 17.22 9.38
C SER B 291 -16.69 18.74 9.32
N PHE B 292 -16.91 19.27 8.12
CA PHE B 292 -16.84 20.71 7.92
C PHE B 292 -17.44 21.11 6.58
N PRO B 293 -17.94 22.35 6.49
CA PRO B 293 -18.51 22.84 5.23
C PRO B 293 -17.42 23.09 4.20
N ALA B 294 -17.65 22.61 2.99
CA ALA B 294 -16.68 22.76 1.90
C ALA B 294 -16.27 24.20 1.70
N ASN B 295 -17.21 25.13 1.79
CA ASN B 295 -16.92 26.52 1.48
C ASN B 295 -16.48 27.33 2.70
N GLY B 296 -16.40 26.69 3.86
CA GLY B 296 -15.81 27.33 5.02
C GLY B 296 -16.79 28.09 5.90
N LYS B 297 -18.07 28.05 5.54
CA LYS B 297 -19.11 28.70 6.34
C LYS B 297 -20.30 27.76 6.55
N PHE B 298 -20.58 27.43 7.80
CA PHE B 298 -21.71 26.57 8.14
C PHE B 298 -23.02 27.27 7.82
N THR B 299 -23.92 26.60 7.11
CA THR B 299 -25.30 27.07 7.01
C THR B 299 -25.99 26.82 8.35
N ALA B 300 -27.20 27.35 8.51
CA ALA B 300 -27.94 27.14 9.75
C ALA B 300 -28.24 25.66 9.95
N ASP B 301 -28.63 24.99 8.87
CA ASP B 301 -28.90 23.56 8.95
C ASP B 301 -27.64 22.76 9.27
N GLN B 302 -26.53 23.10 8.62
CA GLN B 302 -25.26 22.42 8.85
C GLN B 302 -24.82 22.59 10.29
N LYS B 303 -24.91 23.81 10.78
CA LYS B 303 -24.55 24.11 12.15
C LYS B 303 -25.39 23.26 13.10
N ALA B 304 -26.67 23.09 12.76
CA ALA B 304 -27.58 22.37 13.65
C ALA B 304 -27.24 20.88 13.75
N VAL B 305 -27.11 20.23 12.61
CA VAL B 305 -26.71 18.82 12.60
C VAL B 305 -25.33 18.67 13.23
N TYR B 306 -24.38 19.53 12.85
CA TYR B 306 -23.02 19.40 13.34
C TYR B 306 -22.94 19.51 14.87
N GLU B 307 -23.61 20.53 15.40
CA GLU B 307 -23.56 20.79 16.83
C GLU B 307 -24.28 19.70 17.63
N ALA B 308 -25.20 18.97 16.98
CA ALA B 308 -25.83 17.82 17.61
C ALA B 308 -24.79 16.72 17.85
N VAL B 309 -23.94 16.49 16.86
CA VAL B 309 -22.92 15.47 17.00
C VAL B 309 -21.83 15.95 17.96
N LEU B 310 -21.56 17.25 17.93
CA LEU B 310 -20.61 17.83 18.87
C LEU B 310 -21.11 17.60 20.29
N ARG B 311 -22.41 17.76 20.49
CA ARG B 311 -23.00 17.60 21.82
C ARG B 311 -22.87 16.14 22.30
N SER B 312 -23.22 15.18 21.45
CA SER B 312 -23.11 13.78 21.84
C SER B 312 -21.64 13.41 22.08
N SER B 313 -20.75 13.90 21.21
CA SER B 313 -19.31 13.67 21.36
C SER B 313 -18.84 14.06 22.75
N ARG B 314 -19.18 15.28 23.12
CA ARG B 314 -18.74 15.86 24.39
C ARG B 314 -19.44 15.22 25.60
N ALA B 315 -20.73 14.87 25.46
CA ALA B 315 -21.43 14.18 26.54
C ALA B 315 -20.78 12.84 26.86
N VAL B 316 -20.51 12.04 25.82
CA VAL B 316 -19.84 10.77 26.00
C VAL B 316 -18.46 10.96 26.64
N MET B 317 -17.63 11.83 26.07
CA MET B 317 -16.30 12.06 26.63
C MET B 317 -16.40 12.51 28.10
N GLY B 318 -17.41 13.30 28.41
CA GLY B 318 -17.63 13.74 29.78
C GLY B 318 -18.11 12.65 30.73
N ALA B 319 -18.70 11.59 30.18
CA ALA B 319 -19.24 10.50 30.99
C ALA B 319 -18.29 9.30 31.15
N MET B 320 -17.31 9.21 30.26
CA MET B 320 -16.42 8.05 30.24
C MET B 320 -15.50 8.04 31.44
N LYS B 321 -15.43 6.89 32.10
CA LYS B 321 -14.52 6.65 33.20
C LYS B 321 -14.53 5.16 33.49
N PRO B 322 -13.58 4.68 34.30
CA PRO B 322 -13.57 3.25 34.61
C PRO B 322 -14.92 2.78 35.18
N GLY B 323 -15.38 1.61 34.75
CA GLY B 323 -16.63 1.06 35.24
C GLY B 323 -17.81 1.31 34.33
N VAL B 324 -17.70 2.32 33.48
CA VAL B 324 -18.74 2.62 32.51
C VAL B 324 -18.86 1.50 31.47
N TRP B 325 -20.08 1.06 31.23
CA TRP B 325 -20.34 0.03 30.23
C TRP B 325 -20.44 0.68 28.86
N TRP B 326 -19.60 0.27 27.91
CA TRP B 326 -19.51 1.00 26.66
C TRP B 326 -20.87 1.10 25.92
N PRO B 327 -21.66 0.02 25.90
CA PRO B 327 -22.99 0.14 25.27
C PRO B 327 -23.87 1.24 25.86
N ASP B 328 -23.71 1.55 27.15
CA ASP B 328 -24.46 2.67 27.73
C ASP B 328 -24.04 4.01 27.10
N MET B 329 -22.78 4.10 26.67
CA MET B 329 -22.33 5.34 26.02
C MET B 329 -22.93 5.46 24.61
N HIS B 330 -23.03 4.34 23.91
CA HIS B 330 -23.66 4.32 22.60
C HIS B 330 -25.11 4.81 22.72
N ARG B 331 -25.83 4.30 23.68
CA ARG B 331 -27.25 4.63 23.94
C ARG B 331 -27.36 6.09 24.33
N LEU B 332 -26.42 6.59 25.09
CA LEU B 332 -26.40 8.01 25.45
C LEU B 332 -26.26 8.88 24.18
N ALA B 333 -25.37 8.49 23.26
CA ALA B 333 -25.24 9.24 22.01
C ALA B 333 -26.55 9.20 21.22
N ASP B 334 -27.16 8.03 21.12
CA ASP B 334 -28.45 7.88 20.46
C ASP B 334 -29.49 8.86 21.01
N ARG B 335 -29.58 8.94 22.35
CA ARG B 335 -30.59 9.76 22.97
C ARG B 335 -30.36 11.22 22.66
N ILE B 336 -29.10 11.63 22.64
CA ILE B 336 -28.77 13.02 22.37
C ILE B 336 -29.06 13.35 20.92
N HIS B 337 -28.73 12.44 20.00
CA HIS B 337 -29.02 12.67 18.60
C HIS B 337 -30.53 12.86 18.40
N LEU B 338 -31.32 11.99 19.03
CA LEU B 338 -32.76 12.04 18.88
C LEU B 338 -33.37 13.31 19.49
N GLU B 339 -32.88 13.71 20.66
CA GLU B 339 -33.27 14.97 21.26
C GLU B 339 -33.02 16.14 20.31
N GLU B 340 -31.82 16.19 19.74
CA GLU B 340 -31.41 17.33 18.92
C GLU B 340 -32.14 17.34 17.59
N LEU B 341 -32.41 16.15 17.06
CA LEU B 341 -33.13 16.03 15.81
C LEU B 341 -34.57 16.47 16.01
N ALA B 342 -35.08 16.26 17.22
CA ALA B 342 -36.42 16.70 17.54
C ALA B 342 -36.45 18.21 17.73
N HIS B 343 -35.42 18.75 18.38
CA HIS B 343 -35.29 20.20 18.54
C HIS B 343 -35.17 20.91 17.18
N MET B 344 -34.72 20.17 16.16
CA MET B 344 -34.61 20.68 14.79
C MET B 344 -35.91 20.58 14.01
N GLY B 345 -36.89 19.88 14.56
CA GLY B 345 -38.14 19.64 13.87
C GLY B 345 -38.07 18.54 12.80
N ILE B 346 -36.98 17.78 12.77
CA ILE B 346 -36.91 16.63 11.87
C ILE B 346 -37.73 15.50 12.46
N LEU B 347 -37.71 15.43 13.79
CA LEU B 347 -38.47 14.45 14.52
C LEU B 347 -39.48 15.13 15.43
N SER B 348 -40.57 14.45 15.70
CA SER B 348 -41.56 14.96 16.64
C SER B 348 -42.11 13.81 17.47
N GLY B 349 -42.43 14.12 18.72
CA GLY B 349 -43.03 13.15 19.60
C GLY B 349 -42.16 12.91 20.81
N SER B 350 -42.47 11.85 21.53
CA SER B 350 -41.72 11.48 22.72
C SER B 350 -40.35 10.93 22.36
N VAL B 351 -39.31 11.56 22.88
CA VAL B 351 -37.96 11.04 22.69
C VAL B 351 -37.83 9.66 23.33
N ASP B 352 -38.49 9.45 24.46
CA ASP B 352 -38.43 8.15 25.13
C ASP B 352 -38.98 7.07 24.20
N ALA B 353 -40.06 7.40 23.50
CA ALA B 353 -40.67 6.46 22.58
C ALA B 353 -39.72 6.13 21.43
N MET B 354 -39.06 7.16 20.90
CA MET B 354 -38.09 6.98 19.83
C MET B 354 -36.98 6.02 20.23
N VAL B 355 -36.46 6.18 21.43
CA VAL B 355 -35.39 5.32 21.92
C VAL B 355 -35.86 3.88 22.03
N GLN B 356 -37.07 3.69 22.53
CA GLN B 356 -37.65 2.35 22.64
C GLN B 356 -37.76 1.71 21.25
N ALA B 357 -38.03 2.52 20.25
CA ALA B 357 -38.16 2.04 18.88
C ALA B 357 -36.80 1.90 18.17
N HIS B 358 -35.71 2.10 18.92
CA HIS B 358 -34.36 2.06 18.35
C HIS B 358 -34.17 3.04 17.19
N LEU B 359 -34.81 4.20 17.28
CA LEU B 359 -34.81 5.14 16.16
C LEU B 359 -33.43 5.75 15.93
N GLY B 360 -32.59 5.75 16.96
CA GLY B 360 -31.25 6.31 16.83
C GLY B 360 -30.41 5.64 15.74
N ALA B 361 -30.64 4.35 15.53
CA ALA B 361 -29.84 3.57 14.60
C ALA B 361 -30.14 3.96 13.17
N VAL B 362 -31.26 4.66 12.95
CA VAL B 362 -31.58 5.16 11.62
C VAL B 362 -30.55 6.22 11.22
N PHE B 363 -30.13 7.01 12.19
CA PHE B 363 -29.20 8.12 11.95
C PHE B 363 -27.74 7.78 12.25
N MET B 364 -27.51 6.80 13.13
CA MET B 364 -26.16 6.32 13.40
C MET B 364 -26.13 4.79 13.38
N PRO B 365 -25.98 4.20 12.19
CA PRO B 365 -26.09 2.74 12.09
C PRO B 365 -24.87 1.98 12.63
N HIS B 366 -23.77 2.68 12.87
CA HIS B 366 -22.52 2.04 13.27
C HIS B 366 -22.32 2.17 14.78
N GLY B 367 -21.32 1.48 15.30
CA GLY B 367 -21.01 1.57 16.71
C GLY B 367 -20.37 2.89 17.08
N LEU B 368 -20.55 3.29 18.34
CA LEU B 368 -20.06 4.57 18.83
C LEU B 368 -18.56 4.70 18.75
N GLY B 369 -17.86 3.59 18.96
CA GLY B 369 -16.42 3.60 18.89
C GLY B 369 -15.81 2.27 19.25
N HIS B 370 -14.50 2.19 19.13
CA HIS B 370 -13.81 0.93 19.17
C HIS B 370 -12.43 1.10 19.77
N PHE B 371 -11.91 0.01 20.32
CA PHE B 371 -10.50 -0.01 20.73
C PHE B 371 -9.61 0.37 19.56
N LEU B 372 -8.53 1.06 19.89
CA LEU B 372 -7.50 1.42 18.93
C LEU B 372 -6.11 1.17 19.53
N GLY B 373 -5.18 0.72 18.70
CA GLY B 373 -3.83 0.46 19.17
C GLY B 373 -2.90 0.23 18.02
N ILE B 374 -2.28 -0.94 17.99
CA ILE B 374 -1.46 -1.33 16.86
CA ILE B 374 -1.46 -1.31 16.85
C ILE B 374 -2.34 -1.50 15.62
N ASP B 375 -3.58 -1.95 15.82
CA ASP B 375 -4.58 -2.01 14.75
C ASP B 375 -5.59 -0.88 14.95
N VAL B 376 -6.10 -0.32 13.85
CA VAL B 376 -7.14 0.70 13.98
C VAL B 376 -8.34 0.17 14.73
N HIS B 377 -8.81 -1.00 14.29
CA HIS B 377 -9.82 -1.71 15.06
C HIS B 377 -9.08 -2.73 15.92
N ASP B 378 -8.72 -2.32 17.14
CA ASP B 378 -7.75 -3.10 17.91
C ASP B 378 -8.41 -4.31 18.57
N VAL B 379 -7.56 -5.24 19.00
CA VAL B 379 -8.01 -6.55 19.47
C VAL B 379 -8.66 -6.47 20.84
N GLY B 380 -9.41 -7.51 21.19
CA GLY B 380 -9.86 -7.69 22.55
C GLY B 380 -11.19 -7.06 22.90
N GLY B 381 -11.97 -6.65 21.91
CA GLY B 381 -13.27 -6.06 22.16
C GLY B 381 -14.29 -7.07 22.69
N TYR B 382 -14.14 -8.35 22.32
CA TYR B 382 -15.10 -9.38 22.67
C TYR B 382 -14.39 -10.64 23.18
N PRO B 383 -13.78 -10.53 24.36
CA PRO B 383 -13.15 -11.70 24.99
C PRO B 383 -14.23 -12.65 25.48
N GLU B 384 -13.86 -13.87 25.84
CA GLU B 384 -14.84 -14.83 26.34
C GLU B 384 -15.68 -14.24 27.47
N GLY B 385 -16.99 -14.40 27.36
CA GLY B 385 -17.91 -13.93 28.38
C GLY B 385 -18.55 -12.60 28.04
N VAL B 386 -18.01 -11.91 27.03
CA VAL B 386 -18.54 -10.61 26.61
C VAL B 386 -19.31 -10.79 25.30
N GLU B 387 -20.60 -10.51 25.35
CA GLU B 387 -21.53 -10.83 24.27
C GLU B 387 -21.92 -9.61 23.45
N ARG B 388 -22.09 -9.83 22.14
CA ARG B 388 -22.58 -8.81 21.23
C ARG B 388 -24.09 -8.60 21.44
N ILE B 389 -24.50 -7.33 21.51
CA ILE B 389 -25.92 -7.02 21.79
C ILE B 389 -26.70 -6.97 20.49
N ASP B 390 -27.74 -7.80 20.39
CA ASP B 390 -28.46 -7.96 19.12
C ASP B 390 -29.58 -6.93 18.98
N GLU B 391 -29.18 -5.67 18.96
CA GLU B 391 -30.09 -4.57 18.69
C GLU B 391 -29.47 -3.70 17.62
N PRO B 392 -30.31 -2.96 16.87
CA PRO B 392 -29.79 -2.00 15.89
C PRO B 392 -28.79 -1.04 16.52
N GLY B 393 -27.73 -0.71 15.79
CA GLY B 393 -26.69 0.15 16.30
C GLY B 393 -25.73 -0.60 17.21
N LEU B 394 -26.24 -1.09 18.34
CA LEU B 394 -25.42 -1.82 19.31
C LEU B 394 -24.75 -3.07 18.72
N ARG B 395 -25.43 -3.75 17.80
CA ARG B 395 -24.85 -4.96 17.22
C ARG B 395 -23.60 -4.63 16.42
N SER B 396 -23.45 -3.37 16.05
CA SER B 396 -22.28 -2.92 15.30
C SER B 396 -21.12 -2.47 16.21
N LEU B 397 -21.34 -2.40 17.51
CA LEU B 397 -20.25 -2.04 18.43
C LEU B 397 -19.13 -3.07 18.34
N ARG B 398 -17.88 -2.60 18.29
CA ARG B 398 -16.75 -3.51 18.25
C ARG B 398 -16.26 -3.91 19.64
N THR B 399 -16.92 -3.43 20.69
CA THR B 399 -16.74 -3.99 22.02
C THR B 399 -17.95 -3.69 22.86
N ALA B 400 -18.24 -4.57 23.81
CA ALA B 400 -19.31 -4.39 24.76
C ALA B 400 -18.73 -4.52 26.17
N ARG B 401 -17.45 -4.20 26.30
CA ARG B 401 -16.75 -4.28 27.57
C ARG B 401 -17.01 -3.07 28.43
N HIS B 402 -16.69 -3.20 29.71
CA HIS B 402 -16.64 -2.05 30.60
C HIS B 402 -15.28 -1.37 30.49
N LEU B 403 -15.29 -0.06 30.61
CA LEU B 403 -14.06 0.73 30.48
C LEU B 403 -13.15 0.55 31.67
N GLN B 404 -11.84 0.44 31.41
CA GLN B 404 -10.86 0.36 32.48
C GLN B 404 -9.65 1.20 32.10
N PRO B 405 -8.90 1.65 33.11
CA PRO B 405 -7.75 2.50 32.81
C PRO B 405 -6.74 1.82 31.88
N GLY B 406 -6.24 2.57 30.91
CA GLY B 406 -5.26 2.05 29.96
C GLY B 406 -5.85 1.70 28.61
N MET B 407 -7.17 1.54 28.52
CA MET B 407 -7.82 1.33 27.23
C MET B 407 -7.76 2.58 26.38
N VAL B 408 -7.62 2.39 25.07
CA VAL B 408 -7.70 3.46 24.10
C VAL B 408 -8.87 3.19 23.17
N LEU B 409 -9.74 4.19 23.04
CA LEU B 409 -10.99 4.05 22.31
C LEU B 409 -11.17 5.22 21.39
N THR B 410 -11.86 4.99 20.28
CA THR B 410 -12.41 6.09 19.52
C THR B 410 -13.80 6.43 20.08
N VAL B 411 -14.13 7.70 19.92
CA VAL B 411 -15.44 8.23 20.25
C VAL B 411 -15.91 8.90 18.99
N GLU B 412 -16.81 8.23 18.27
CA GLU B 412 -17.15 8.69 16.92
C GLU B 412 -18.64 8.64 16.61
N PRO B 413 -19.42 9.40 17.37
CA PRO B 413 -20.83 9.55 16.99
C PRO B 413 -20.98 10.22 15.63
N GLY B 414 -22.09 9.95 14.97
CA GLY B 414 -22.40 10.64 13.74
C GLY B 414 -23.90 10.70 13.50
N ILE B 415 -24.31 11.65 12.66
CA ILE B 415 -25.66 11.70 12.12
C ILE B 415 -25.60 11.66 10.61
N TYR B 416 -26.32 10.70 10.04
CA TYR B 416 -26.35 10.50 8.60
C TYR B 416 -27.79 10.56 8.09
N PHE B 417 -27.95 11.05 6.87
CA PHE B 417 -29.25 10.99 6.19
C PHE B 417 -29.14 10.06 4.98
N ILE B 418 -29.46 8.79 5.25
CA ILE B 418 -29.28 7.70 4.31
C ILE B 418 -30.65 7.27 3.81
N ASP B 419 -30.90 7.45 2.53
CA ASP B 419 -32.24 7.31 1.98
C ASP B 419 -32.92 5.99 2.35
N HIS B 420 -32.25 4.85 2.16
CA HIS B 420 -32.94 3.58 2.32
C HIS B 420 -33.20 3.27 3.80
N LEU B 421 -32.39 3.81 4.70
CA LEU B 421 -32.67 3.68 6.13
C LEU B 421 -33.88 4.53 6.53
N LEU B 422 -33.95 5.74 5.98
CA LEU B 422 -35.07 6.64 6.25
C LEU B 422 -36.37 6.08 5.66
N ASP B 423 -36.30 5.58 4.43
CA ASP B 423 -37.48 5.05 3.77
C ASP B 423 -37.99 3.83 4.53
N GLU B 424 -37.07 3.01 5.03
CA GLU B 424 -37.43 1.84 5.82
C GLU B 424 -38.17 2.25 7.08
N ALA B 425 -37.64 3.24 7.77
CA ALA B 425 -38.27 3.78 8.97
C ALA B 425 -39.65 4.33 8.66
N LEU B 426 -39.77 4.96 7.49
CA LEU B 426 -41.05 5.53 7.07
C LEU B 426 -42.07 4.45 6.73
N ALA B 427 -41.56 3.28 6.34
CA ALA B 427 -42.40 2.14 6.02
C ALA B 427 -42.75 1.32 7.27
N ASP B 428 -42.03 1.58 8.36
CA ASP B 428 -42.25 0.88 9.63
C ASP B 428 -43.23 1.66 10.49
N PRO B 429 -44.40 1.07 10.80
CA PRO B 429 -45.37 1.79 11.63
C PRO B 429 -44.85 2.10 13.04
N ALA B 430 -43.86 1.34 13.50
CA ALA B 430 -43.32 1.55 14.84
C ALA B 430 -42.39 2.75 14.91
N ARG B 431 -42.00 3.26 13.74
CA ARG B 431 -41.04 4.35 13.66
C ARG B 431 -41.55 5.54 12.83
N ALA B 432 -42.33 5.26 11.80
CA ALA B 432 -42.69 6.26 10.78
C ALA B 432 -43.30 7.54 11.36
N SER B 433 -44.04 7.43 12.46
CA SER B 433 -44.76 8.58 13.02
C SER B 433 -43.82 9.65 13.54
N PHE B 434 -42.63 9.25 13.98
CA PHE B 434 -41.68 10.16 14.61
C PHE B 434 -41.08 11.11 13.60
N LEU B 435 -41.14 10.75 12.32
CA LEU B 435 -40.53 11.50 11.24
C LEU B 435 -41.47 12.52 10.62
N ASN B 436 -41.06 13.78 10.59
CA ASN B 436 -41.75 14.82 9.82
C ASN B 436 -41.19 14.96 8.42
N ARG B 437 -41.87 14.38 7.43
CA ARG B 437 -41.38 14.44 6.05
C ARG B 437 -41.16 15.86 5.54
N GLU B 438 -42.00 16.79 6.00
CA GLU B 438 -41.91 18.16 5.49
C GLU B 438 -40.56 18.77 5.81
N VAL B 439 -40.06 18.52 7.02
CA VAL B 439 -38.74 19.00 7.43
C VAL B 439 -37.64 18.05 6.95
N LEU B 440 -37.87 16.75 7.12
CA LEU B 440 -36.89 15.73 6.73
C LEU B 440 -36.52 15.87 5.26
N GLN B 441 -37.51 16.21 4.44
CA GLN B 441 -37.31 16.27 2.99
C GLN B 441 -36.18 17.24 2.67
N ARG B 442 -36.02 18.25 3.53
CA ARG B 442 -34.98 19.25 3.33
C ARG B 442 -33.58 18.71 3.67
N PHE B 443 -33.52 17.54 4.31
CA PHE B 443 -32.24 16.98 4.75
C PHE B 443 -31.84 15.74 3.94
N ARG B 444 -32.67 15.39 2.97
CA ARG B 444 -32.29 14.39 1.99
C ARG B 444 -31.12 14.96 1.19
N GLY B 445 -30.04 14.20 1.08
CA GLY B 445 -28.82 14.70 0.44
C GLY B 445 -28.04 15.69 1.29
N PHE B 446 -28.42 15.85 2.56
CA PHE B 446 -27.66 16.70 3.49
C PHE B 446 -26.23 16.20 3.56
N GLY B 447 -26.09 14.89 3.57
CA GLY B 447 -24.80 14.26 3.72
C GLY B 447 -24.65 13.65 5.10
N ARG B 448 -23.45 13.79 5.64
CA ARG B 448 -23.03 13.02 6.81
C ARG B 448 -22.17 13.90 7.71
N VAL B 449 -22.43 13.86 9.01
CA VAL B 449 -21.50 14.39 9.99
C VAL B 449 -21.05 13.29 10.94
N ARG B 450 -19.73 13.19 11.06
CA ARG B 450 -19.13 12.33 12.05
C ARG B 450 -17.98 13.10 12.69
N ILE B 451 -17.91 13.04 14.01
CA ILE B 451 -16.83 13.65 14.78
C ILE B 451 -16.11 12.52 15.54
N GLU B 452 -14.89 12.21 15.15
CA GLU B 452 -14.16 11.08 15.74
C GLU B 452 -12.88 11.54 16.44
N GLU B 453 -12.88 11.38 17.76
CA GLU B 453 -11.74 11.61 18.63
C GLU B 453 -11.13 10.30 19.09
N ASP B 454 -9.82 10.29 19.34
CA ASP B 454 -9.16 9.20 20.03
C ASP B 454 -8.88 9.57 21.48
N VAL B 455 -9.21 8.67 22.41
CA VAL B 455 -9.04 8.95 23.83
C VAL B 455 -8.46 7.79 24.60
N VAL B 456 -7.82 8.11 25.73
CA VAL B 456 -7.31 7.11 26.66
C VAL B 456 -8.19 7.12 27.88
N VAL B 457 -8.57 5.95 28.39
CA VAL B 457 -9.28 5.88 29.66
C VAL B 457 -8.24 6.00 30.75
N THR B 458 -8.45 6.95 31.66
CA THR B 458 -7.54 7.16 32.78
C THR B 458 -8.12 6.54 34.06
N ASP B 459 -7.50 6.82 35.19
CA ASP B 459 -8.00 6.32 36.46
C ASP B 459 -9.35 6.95 36.82
N SER B 460 -9.67 8.08 36.20
CA SER B 460 -10.84 8.86 36.66
C SER B 460 -11.71 9.46 35.56
N GLY B 461 -11.31 9.27 34.31
CA GLY B 461 -11.99 9.91 33.22
C GLY B 461 -11.30 9.50 31.93
N ILE B 462 -11.01 10.48 31.08
CA ILE B 462 -10.24 10.23 29.86
C ILE B 462 -9.18 11.29 29.63
N GLU B 463 -8.25 10.95 28.73
CA GLU B 463 -7.35 11.91 28.15
C GLU B 463 -7.65 11.96 26.66
N LEU B 464 -7.84 13.15 26.15
CA LEU B 464 -8.12 13.33 24.72
C LEU B 464 -6.78 13.36 24.00
N LEU B 465 -6.60 12.45 23.05
CA LEU B 465 -5.37 12.45 22.23
C LEU B 465 -5.47 13.40 21.03
N THR B 466 -6.66 13.50 20.48
CA THR B 466 -6.88 14.28 19.26
C THR B 466 -6.89 15.78 19.55
N CYS B 467 -6.35 16.58 18.62
CA CYS B 467 -6.33 18.03 18.78
C CYS B 467 -6.61 18.75 17.45
N VAL B 468 -7.87 18.73 17.05
CA VAL B 468 -8.33 19.42 15.85
C VAL B 468 -9.39 20.43 16.25
N PRO B 469 -9.63 21.41 15.37
CA PRO B 469 -10.75 22.34 15.64
C PRO B 469 -12.08 21.59 15.65
N ARG B 470 -12.96 21.94 16.58
CA ARG B 470 -14.21 21.20 16.74
C ARG B 470 -15.46 22.07 16.79
N THR B 471 -15.41 23.24 17.41
CA THR B 471 -16.60 24.08 17.42
C THR B 471 -16.74 24.71 16.05
N VAL B 472 -17.94 25.20 15.76
CA VAL B 472 -18.22 25.85 14.49
C VAL B 472 -17.26 27.01 14.27
N GLU B 473 -17.02 27.76 15.34
CA GLU B 473 -16.16 28.95 15.23
C GLU B 473 -14.70 28.55 15.00
N GLU B 474 -14.27 27.47 15.66
CA GLU B 474 -12.90 26.99 15.53
C GLU B 474 -12.64 26.48 14.12
N ILE B 475 -13.62 25.75 13.60
CA ILE B 475 -13.52 25.20 12.25
C ILE B 475 -13.49 26.34 11.23
N GLU B 476 -14.41 27.29 11.38
CA GLU B 476 -14.46 28.40 10.42
C GLU B 476 -13.16 29.23 10.48
N ALA B 477 -12.61 29.39 11.69
CA ALA B 477 -11.32 30.07 11.85
C ALA B 477 -10.18 29.32 11.17
N CYS B 478 -10.14 28.00 11.33
CA CYS B 478 -9.07 27.19 10.76
C CYS B 478 -9.12 27.31 9.23
N MET B 479 -10.33 27.19 8.68
CA MET B 479 -10.48 27.21 7.23
C MET B 479 -10.19 28.59 6.66
N ALA B 480 -10.25 29.61 7.51
CA ALA B 480 -9.92 30.97 7.10
C ALA B 480 -8.43 31.26 7.34
N GLY B 481 -7.68 30.23 7.69
CA GLY B 481 -6.23 30.33 7.75
C GLY B 481 -5.67 30.91 9.04
N CYS B 482 -6.49 30.99 10.09
CA CYS B 482 -6.01 31.49 11.37
C CYS B 482 -4.91 30.57 11.92
N ASP B 483 -3.88 31.17 12.52
CA ASP B 483 -2.85 30.39 13.20
C ASP B 483 -3.52 29.48 14.23
N LYS B 484 -3.00 28.26 14.38
CA LYS B 484 -3.58 27.29 15.30
C LYS B 484 -3.70 27.82 16.71
N ALA B 485 -2.83 28.75 17.08
CA ALA B 485 -2.82 29.31 18.43
C ALA B 485 -4.07 30.13 18.70
N PHE B 486 -4.64 30.72 17.65
CA PHE B 486 -5.84 31.52 17.77
C PHE B 486 -7.02 30.67 18.25
N THR B 487 -7.82 31.25 19.13
CA THR B 487 -8.91 30.53 19.81
C THR B 487 -10.21 31.35 19.78
N PRO B 488 -11.42 30.94 19.42
CA PRO B 488 -12.49 31.95 19.44
C PRO B 488 -13.41 32.03 20.67
MN MN C . 13.57 -0.54 -14.00
MN MN D . 13.82 1.64 -11.57
O OH E . 14.88 0.51 -12.41
HO OH E . 15.58 0.86 -11.85
N GLY F . 12.70 -0.50 -10.28
CA GLY F . 13.98 -1.18 -9.97
C GLY F . 14.51 -1.93 -11.19
O GLY F . 13.75 -2.23 -12.12
H1 GLY F . 12.12 -0.64 -9.62
H2 GLY F . 12.85 0.38 -10.36
H3 GLY F . 12.37 -0.81 -11.04
HA2 GLY F . 14.65 -0.54 -9.69
HA3 GLY F . 13.84 -1.81 -9.25
N PRO G . 15.82 -2.16 -11.23
CA PRO G . 16.44 -2.91 -12.32
C PRO G . 16.01 -4.39 -12.31
O PRO G . 15.47 -4.87 -11.31
CB PRO G . 17.94 -2.76 -12.04
CG PRO G . 18.03 -2.56 -10.57
CD PRO G . 16.82 -1.74 -10.23
OXT PRO G . 16.19 -5.13 -13.28
HA PRO G . 16.22 -2.51 -13.17
HB2 PRO G . 18.40 -3.58 -12.31
HB3 PRO G . 18.29 -2.00 -12.53
HG2 PRO G . 18.00 -3.41 -10.13
HG3 PRO G . 18.84 -2.08 -10.36
HD2 PRO G . 16.51 -1.95 -9.33
HD3 PRO G . 17.02 -0.79 -10.31
MN MN H . -12.90 4.56 13.80
MN MN I . -12.46 6.53 11.24
O OH J . -13.86 5.81 12.19
HO OH J . -14.44 6.30 11.62
N GLY K . -12.07 4.19 10.20
CA GLY K . -13.49 3.87 9.91
C GLY K . -14.26 3.34 11.12
O GLY K . -13.67 2.87 12.10
H1 GLY K . -11.54 3.73 9.66
H2 GLY K . -11.93 5.06 10.06
H3 GLY K . -11.88 4.00 11.04
HA2 GLY K . -13.95 4.66 9.58
HA3 GLY K . -13.53 3.18 9.22
N PRO L . -15.59 3.49 11.10
CA PRO L . -16.43 2.99 12.21
C PRO L . -16.26 1.48 12.46
O PRO L . -16.45 0.98 13.57
CB PRO L . -17.84 3.32 11.75
CG PRO L . -17.67 4.49 10.83
CD PRO L . -16.40 4.21 10.11
OXT PRO L . -15.94 0.72 11.55
HA PRO L . -16.23 3.47 13.03
HB2 PRO L . -18.21 2.56 11.26
HB3 PRO L . -18.40 3.55 12.51
HG2 PRO L . -18.42 4.54 10.22
HG3 PRO L . -17.59 5.31 11.36
HD2 PRO L . -16.57 3.65 9.33
HD3 PRO L . -15.97 5.04 9.85
C1 GOL M . -19.74 -11.72 20.01
O1 GOL M . -19.73 -12.49 21.20
C2 GOL M . -18.91 -12.41 18.95
O2 GOL M . -19.71 -12.58 17.80
C3 GOL M . -17.66 -11.61 18.58
O3 GOL M . -17.84 -11.05 17.30
H11 GOL M . -20.76 -11.60 19.67
H12 GOL M . -19.33 -10.73 20.22
HO1 GOL M . -20.21 -12.00 21.91
H2 GOL M . -18.60 -13.38 19.33
HO2 GOL M . -19.96 -11.70 17.46
H31 GOL M . -17.49 -10.83 19.32
H32 GOL M . -16.79 -12.27 18.57
HO3 GOL M . -17.02 -11.14 16.79
#